data_8I4H
#
_entry.id   8I4H
#
_cell.length_a   1.00
_cell.length_b   1.00
_cell.length_c   1.00
_cell.angle_alpha   90.00
_cell.angle_beta   90.00
_cell.angle_gamma   90.00
#
_symmetry.space_group_name_H-M   'P 1'
#
loop_
_entity.id
_entity.type
_entity.pdbx_description
1 polymer 'Spike glycoprotein'
2 polymer Bn03
#
loop_
_entity_poly.entity_id
_entity_poly.type
_entity_poly.pdbx_seq_one_letter_code
_entity_poly.pdbx_strand_id
1 'polypeptide(L)'
;MFVFLVLLPLVSSQCVNLTTRTQLPPAYTNSFTRGVYYPDKVFRSSVLHSTQDLFLPFFSNVTWFHVISGTNGTKRFDNP
VLPFNDGVYFASIEKSNIIRGWIFGTTLDSKTQSLLIVNNATNVVIKVCEFQFCNDPFLDHKNNKSWMESEFRVYSSANN
CTFEYVSQPFLMDLEGKQGNFKNLREFVFKNIDGYFKIYSKHTPIIVREPEDLPQGFSALEPLVDLPIGINITRFQTLLA
LHRSYLTPGDSSSGWTAGAAAYYVGYLQPRTFLLKYNENGTITDAVDCALDPLSETKCTLKSFTVEKGIYQTSNFRVQPT
ESIVRFPNITNLCPFDEVFNATRFASVYAWNRKRISNCVADYSVLYNLAPFFTFKCYGVSPTKLNDLCFTNVYADSFVIR
GDEVRQIAPGQTGNIADYNYKLPDDFTGCVIAWNSNKLDSKVSGNYNYLYRLFRKSNLKPFERDISTEIYQAGNKPCNGV
AGFNCYFPLRSYSFRPTYGVGHQPYRVVVLSFELLHAPATVCGPKKSTNLVKNKCVNFNFNGLKGTGVLTESNKKFLPFQ
QFGRDIADTTDAVRDPQTLEILDITPCSFGGVSVITPGTNTSNQVAVLYQGVNCTEVPVAIHADQLTPTWRVYSTGSNVF
QTRAGCLIGAEYVNNSYECDIPIGAGICASYQTQTKSHGSASSVASQSIIAYTMSLGAENSVAYSNNSIAIPTNFTISVT
TEILPVSMTKTSVDCTMYICGDSTECSNLLLQYGSFCTQLKRALTGIAVEQDKNTQEVFAQVKQIYKTPPIKYFGGFNFS
QILPDPSKPSKRSPIEDLLFNKVTLADAGFIKQYGDCLGDIAARDLICAQKFKGLTVLPPLLTDEMIAQYTSALLAGTIT
SGWTFGAGPALQIPFPMQMAYRFNGIGVTQNVLYENQKLIANQFNSAIGKIQDSLSSTPSALGKLQDVVNHNAQALNTLV
KQLSSKFGAISSVLNDIFSRLDPPEAEVQIDRLITGRLQSLQTYVTQQLIRAAEIRASANLAATKMSECVLGQSKRVDFC
GKGYHLMSFPQSAPHGVVFLHVTYVPAQEKNFTTAPAICHDGKAHFPREGVFVSNGTHWFVTQRNFYEPQIITTDNTFVS
GNCDVVIGIVNNTVYDPLQPELDSFKEELDKYFKNHTSPDVDLGDISGINASVVNIQKEIDRLNEVAKNLNESLIDLQEL
GKYEQGSGYIPEAPRDGQAYVRKDGEWVFLSTFLSGLEVLFQGPGGWSHPQFEKGGGSGGGSGGSAWSHPQFEKGGSHHH
HHHHH
;
A
2 'polypeptide(L)'
;EVQLVESGGGLVQPGGSLRLSCAASDSSFYDYEMSWVRQVPGKTPEWIGSMYPSGRTYINPSLKSLVTISRDNSENMLYL
QMNSLRAEDTAMYYCVSNWASGSTGDYWGQGTLVTVSSGGGGSGGGGSGGGGSGGGGSEVQLVESGGGLVQPGGSLRLSC
AASDFYFDYYEMSWVRQAPGQGLEWVSTISGLGGATYYADSVKGRFTISRDNSKNTLYLQMNSLRAEDTALYYCATRSPF
GDYAFSYWGQGTLVTVSS
;
B
#
# COMPACT_ATOMS: atom_id res chain seq x y z
N PRO A 26 -34.08 32.40 18.14
CA PRO A 26 -33.47 31.77 16.96
C PRO A 26 -33.65 32.60 15.70
N ALA A 27 -32.56 32.81 14.96
CA ALA A 27 -32.61 33.58 13.73
C ALA A 27 -31.41 33.21 12.86
N TYR A 28 -31.53 33.52 11.57
CA TYR A 28 -30.48 33.23 10.60
C TYR A 28 -30.02 34.52 9.95
N THR A 29 -28.82 34.48 9.40
CA THR A 29 -28.23 35.64 8.72
C THR A 29 -27.18 35.13 7.74
N ASN A 30 -26.54 36.07 7.04
CA ASN A 30 -25.52 35.76 6.07
C ASN A 30 -24.14 35.80 6.70
N SER A 31 -23.24 34.97 6.19
CA SER A 31 -21.86 34.86 6.68
C SER A 31 -20.89 34.87 5.50
N PHE A 32 -21.08 35.81 4.57
CA PHE A 32 -20.29 35.86 3.37
C PHE A 32 -18.84 36.24 3.68
N THR A 33 -17.90 35.44 3.15
CA THR A 33 -16.47 35.71 3.24
C THR A 33 -16.02 35.95 4.69
N ARG A 34 -16.57 35.15 5.61
CA ARG A 34 -16.25 35.26 7.02
C ARG A 34 -16.12 33.86 7.59
N GLY A 35 -14.88 33.44 7.87
CA GLY A 35 -14.65 32.12 8.41
C GLY A 35 -13.43 31.44 7.81
N VAL A 36 -12.79 32.10 6.84
CA VAL A 36 -11.61 31.54 6.19
C VAL A 36 -10.40 31.79 7.06
N TYR A 37 -9.63 30.74 7.31
CA TYR A 37 -8.43 30.84 8.15
C TYR A 37 -7.24 30.17 7.47
N TYR A 38 -6.12 30.05 8.19
CA TYR A 38 -4.94 29.39 7.67
C TYR A 38 -4.97 27.91 8.06
N PRO A 39 -4.94 26.98 7.10
CA PRO A 39 -4.99 25.56 7.46
C PRO A 39 -3.81 25.10 8.29
N ASP A 40 -2.59 25.50 7.92
CA ASP A 40 -1.40 25.10 8.64
C ASP A 40 -0.58 26.31 9.07
N LYS A 41 0.61 26.06 9.64
CA LYS A 41 1.48 27.13 10.11
C LYS A 41 2.62 27.43 9.15
N VAL A 42 2.68 26.75 8.00
CA VAL A 42 3.75 26.99 7.05
C VAL A 42 3.55 28.35 6.38
N PHE A 43 4.60 29.16 6.39
CA PHE A 43 4.56 30.50 5.80
C PHE A 43 5.05 30.40 4.35
N ARG A 44 4.13 30.06 3.46
CA ARG A 44 4.44 29.94 2.03
C ARG A 44 4.39 31.31 1.37
N SER A 45 4.59 31.32 0.05
CA SER A 45 4.61 32.57 -0.70
C SER A 45 4.09 32.30 -2.11
N SER A 46 2.94 32.88 -2.45
CA SER A 46 2.35 32.77 -3.78
C SER A 46 2.15 31.30 -4.18
N VAL A 47 1.31 30.61 -3.41
CA VAL A 47 1.05 29.20 -3.65
C VAL A 47 -0.44 29.00 -3.87
N LEU A 48 -0.84 27.74 -4.13
CA LEU A 48 -2.23 27.38 -4.36
C LEU A 48 -2.58 26.27 -3.36
N HIS A 49 -3.33 26.63 -2.32
CA HIS A 49 -3.70 25.71 -1.25
C HIS A 49 -5.14 25.28 -1.43
N SER A 50 -5.36 23.97 -1.58
CA SER A 50 -6.70 23.42 -1.79
C SER A 50 -6.90 22.18 -0.93
N THR A 51 -6.39 22.21 0.30
CA THR A 51 -6.54 21.09 1.20
C THR A 51 -7.94 21.08 1.80
N GLN A 52 -8.57 19.91 1.81
CA GLN A 52 -9.93 19.77 2.33
C GLN A 52 -9.87 19.74 3.85
N ASP A 53 -10.03 20.91 4.46
CA ASP A 53 -10.04 21.05 5.91
C ASP A 53 -11.39 21.62 6.35
N LEU A 54 -11.51 21.93 7.64
CA LEU A 54 -12.75 22.44 8.20
C LEU A 54 -12.86 23.94 7.92
N PHE A 55 -13.90 24.34 7.19
CA PHE A 55 -14.14 25.73 6.87
C PHE A 55 -15.63 26.03 6.99
N LEU A 56 -15.96 27.31 6.98
CA LEU A 56 -17.35 27.76 6.98
C LEU A 56 -17.74 28.16 5.57
N PRO A 57 -18.72 27.51 4.95
CA PRO A 57 -19.09 27.85 3.57
C PRO A 57 -19.67 29.26 3.49
N PHE A 58 -19.55 29.84 2.29
CA PHE A 58 -20.05 31.19 2.05
C PHE A 58 -21.56 31.16 1.88
N PHE A 59 -22.19 32.30 2.19
CA PHE A 59 -23.65 32.46 2.14
C PHE A 59 -24.36 31.41 2.99
N SER A 60 -23.73 30.97 4.07
CA SER A 60 -24.31 29.98 4.96
C SER A 60 -25.21 30.65 5.99
N ASN A 61 -26.37 30.06 6.22
CA ASN A 61 -27.35 30.59 7.18
C ASN A 61 -26.83 30.31 8.58
N VAL A 62 -26.15 31.31 9.15
CA VAL A 62 -25.58 31.19 10.49
C VAL A 62 -26.48 31.95 11.46
N THR A 63 -26.33 31.62 12.74
CA THR A 63 -27.15 32.23 13.78
C THR A 63 -26.58 33.56 14.22
N TRP A 64 -27.47 34.53 14.46
CA TRP A 64 -27.11 35.88 14.89
C TRP A 64 -27.84 36.16 16.20
N PHE A 65 -27.11 36.09 17.31
CA PHE A 65 -27.70 36.32 18.62
C PHE A 65 -27.61 37.80 18.98
N HIS A 66 -28.76 38.42 19.22
CA HIS A 66 -28.83 39.83 19.56
C HIS A 66 -28.85 39.98 21.08
N VAL A 67 -27.81 40.60 21.63
CA VAL A 67 -27.69 40.83 23.06
C VAL A 67 -27.65 42.34 23.30
N ILE A 68 -28.27 42.77 24.39
CA ILE A 68 -28.30 44.19 24.74
C ILE A 68 -27.22 44.50 25.76
N ARG A 76 -29.24 40.05 27.67
CA ARG A 76 -29.72 39.00 28.57
C ARG A 76 -29.26 37.63 28.08
N PHE A 77 -29.60 36.59 28.84
CA PHE A 77 -29.24 35.22 28.50
C PHE A 77 -30.09 34.77 27.32
N ASP A 78 -29.52 34.80 26.12
CA ASP A 78 -30.24 34.41 24.91
C ASP A 78 -29.49 33.32 24.16
N ASN A 79 -28.19 33.24 24.35
CA ASN A 79 -27.36 32.27 23.65
C ASN A 79 -27.17 31.03 24.51
N PRO A 80 -27.71 29.87 24.13
CA PRO A 80 -27.47 28.65 24.92
C PRO A 80 -26.13 28.02 24.58
N VAL A 81 -25.87 26.83 25.13
CA VAL A 81 -24.64 26.12 24.81
C VAL A 81 -24.65 25.75 23.33
N LEU A 82 -23.67 26.23 22.59
CA LEU A 82 -23.64 26.02 21.15
C LEU A 82 -22.98 24.68 20.83
N PRO A 83 -23.53 23.93 19.87
CA PRO A 83 -22.92 22.65 19.50
C PRO A 83 -21.59 22.86 18.79
N PHE A 84 -20.56 22.17 19.26
CA PHE A 84 -19.22 22.24 18.67
C PHE A 84 -19.06 21.03 17.75
N ASN A 85 -19.59 21.18 16.53
CA ASN A 85 -19.47 20.11 15.54
C ASN A 85 -18.02 19.89 15.15
N ASP A 86 -17.41 20.89 14.49
CA ASP A 86 -16.01 20.80 14.09
C ASP A 86 -15.23 22.08 14.35
N GLY A 87 -15.86 23.12 14.85
CA GLY A 87 -15.20 24.39 15.07
C GLY A 87 -16.20 25.52 15.16
N VAL A 88 -15.76 26.60 15.82
CA VAL A 88 -16.62 27.76 16.06
C VAL A 88 -15.95 28.99 15.48
N TYR A 89 -16.68 29.73 14.66
CA TYR A 89 -16.23 31.00 14.10
C TYR A 89 -17.01 32.11 14.82
N PHE A 90 -16.44 32.61 15.91
CA PHE A 90 -17.08 33.64 16.70
C PHE A 90 -16.70 35.03 16.19
N ALA A 91 -17.61 35.97 16.32
CA ALA A 91 -17.35 37.34 15.88
C ALA A 91 -18.27 38.29 16.63
N SER A 92 -17.79 39.51 16.82
CA SER A 92 -18.59 40.53 17.51
C SER A 92 -18.11 41.91 17.10
N ILE A 93 -19.07 42.79 16.84
CA ILE A 93 -18.81 44.17 16.44
C ILE A 93 -19.31 45.06 17.57
N GLU A 94 -18.38 45.53 18.41
CA GLU A 94 -18.75 46.38 19.54
C GLU A 94 -17.49 47.06 20.08
N LYS A 95 -17.71 48.12 20.86
CA LYS A 95 -16.67 48.84 21.56
C LYS A 95 -16.82 48.62 23.06
N SER A 96 -15.71 48.79 23.79
CA SER A 96 -15.65 48.51 25.22
C SER A 96 -16.03 47.05 25.49
N ASN A 97 -15.16 46.17 24.98
CA ASN A 97 -15.42 44.73 24.94
C ASN A 97 -15.86 44.19 26.29
N ILE A 98 -17.08 43.68 26.35
CA ILE A 98 -17.61 43.01 27.53
C ILE A 98 -17.88 41.53 27.29
N ILE A 99 -17.66 41.04 26.06
CA ILE A 99 -17.77 39.63 25.73
C ILE A 99 -16.40 39.21 25.21
N ARG A 100 -15.57 38.67 26.09
CA ARG A 100 -14.18 38.36 25.76
C ARG A 100 -13.82 36.90 25.95
N GLY A 101 -14.38 36.23 26.95
CA GLY A 101 -14.04 34.84 27.21
C GLY A 101 -15.00 33.86 26.57
N TRP A 102 -14.51 32.63 26.39
CA TRP A 102 -15.29 31.55 25.82
C TRP A 102 -15.17 30.32 26.70
N ILE A 103 -16.30 29.64 26.91
CA ILE A 103 -16.34 28.44 27.74
C ILE A 103 -16.33 27.22 26.83
N PHE A 104 -15.37 26.33 27.06
CA PHE A 104 -15.24 25.09 26.30
C PHE A 104 -15.43 23.91 27.23
N GLY A 105 -15.64 22.74 26.64
CA GLY A 105 -15.81 21.53 27.40
C GLY A 105 -16.57 20.48 26.61
N THR A 106 -16.39 19.23 27.03
CA THR A 106 -17.09 18.12 26.38
C THR A 106 -18.53 18.03 26.88
N THR A 107 -18.73 17.87 28.19
CA THR A 107 -20.04 17.81 28.78
C THR A 107 -20.30 18.88 29.83
N LEU A 108 -19.28 19.65 30.22
CA LEU A 108 -19.40 20.69 31.23
C LEU A 108 -19.95 20.13 32.55
N ASP A 109 -19.53 18.91 32.89
CA ASP A 109 -19.95 18.24 34.10
C ASP A 109 -18.76 17.83 34.96
N SER A 110 -17.64 18.53 34.81
CA SER A 110 -16.41 18.25 35.55
C SER A 110 -15.94 16.81 35.32
N LYS A 111 -16.12 16.33 34.08
CA LYS A 111 -15.71 14.97 33.72
C LYS A 111 -14.37 14.95 32.99
N THR A 112 -14.22 15.77 31.95
CA THR A 112 -12.98 15.87 31.19
C THR A 112 -12.34 17.23 31.41
N GLN A 113 -11.09 17.35 30.95
CA GLN A 113 -10.34 18.59 31.10
C GLN A 113 -10.97 19.67 30.23
N SER A 114 -11.65 20.62 30.86
CA SER A 114 -12.31 21.70 30.14
C SER A 114 -11.30 22.81 29.84
N LEU A 115 -11.79 23.92 29.29
CA LEU A 115 -10.94 25.06 28.94
C LEU A 115 -11.59 26.34 29.42
N LEU A 116 -10.77 27.24 29.96
CA LEU A 116 -11.25 28.52 30.46
C LEU A 116 -10.28 29.61 30.03
N ILE A 117 -10.82 30.79 29.73
CA ILE A 117 -10.02 31.94 29.33
C ILE A 117 -10.44 33.12 30.21
N VAL A 118 -9.57 33.52 31.12
CA VAL A 118 -9.84 34.61 32.05
C VAL A 118 -9.02 35.81 31.62
N ASN A 119 -9.69 36.82 31.08
CA ASN A 119 -9.06 38.06 30.61
C ASN A 119 -9.88 39.25 31.09
N ASN A 120 -10.17 39.29 32.39
CA ASN A 120 -11.08 40.28 32.94
C ASN A 120 -10.58 41.70 32.69
N ALA A 121 -9.47 42.09 33.31
CA ALA A 121 -8.95 43.44 33.15
C ALA A 121 -7.58 43.47 32.48
N THR A 122 -6.58 42.81 33.05
CA THR A 122 -5.24 42.84 32.48
C THR A 122 -4.52 41.50 32.46
N ASN A 123 -4.98 40.50 33.21
CA ASN A 123 -4.29 39.21 33.32
C ASN A 123 -5.04 38.20 32.47
N VAL A 124 -4.53 37.94 31.27
CA VAL A 124 -5.09 36.95 30.36
C VAL A 124 -4.44 35.60 30.66
N VAL A 125 -5.26 34.61 31.01
CA VAL A 125 -4.79 33.28 31.35
C VAL A 125 -5.70 32.25 30.71
N ILE A 126 -5.09 31.30 29.98
CA ILE A 126 -5.81 30.22 29.32
C ILE A 126 -5.52 28.96 30.11
N LYS A 127 -6.48 28.52 30.91
CA LYS A 127 -6.31 27.38 31.79
C LYS A 127 -7.03 26.16 31.21
N VAL A 128 -6.29 25.06 31.06
CA VAL A 128 -6.84 23.80 30.60
C VAL A 128 -7.05 22.95 31.85
N CYS A 129 -8.24 23.02 32.42
CA CYS A 129 -8.56 22.27 33.64
C CYS A 129 -10.06 22.04 33.71
N GLU A 130 -10.45 21.19 34.66
CA GLU A 130 -11.85 20.82 34.83
C GLU A 130 -12.54 21.88 35.68
N PHE A 131 -13.40 22.68 35.06
CA PHE A 131 -14.16 23.72 35.74
C PHE A 131 -15.65 23.38 35.65
N GLN A 132 -16.31 23.38 36.79
CA GLN A 132 -17.76 23.11 36.85
C GLN A 132 -18.48 24.44 36.62
N PHE A 133 -18.84 24.69 35.38
CA PHE A 133 -19.51 25.93 35.00
C PHE A 133 -20.98 25.89 35.43
N CYS A 134 -21.41 26.89 36.17
CA CYS A 134 -22.78 27.00 36.63
C CYS A 134 -23.63 27.66 35.56
N ASN A 135 -24.87 28.04 35.91
CA ASN A 135 -25.78 28.69 34.99
C ASN A 135 -25.56 30.19 34.89
N ASP A 136 -24.40 30.69 35.32
CA ASP A 136 -24.07 32.11 35.28
C ASP A 136 -22.78 32.30 34.48
N PRO A 137 -22.88 32.40 33.15
CA PRO A 137 -21.66 32.58 32.34
C PRO A 137 -20.98 33.92 32.54
N PHE A 138 -21.60 34.86 33.24
CA PHE A 138 -20.99 36.16 33.46
C PHE A 138 -20.11 36.14 34.72
N LEU A 139 -19.32 37.19 34.88
CA LEU A 139 -18.44 37.32 36.03
C LEU A 139 -19.24 37.56 37.31
N GLU A 151 -15.03 37.75 41.08
CA GLU A 151 -15.63 37.48 39.78
C GLU A 151 -15.30 36.07 39.29
N PHE A 152 -14.77 35.25 40.20
CA PHE A 152 -14.44 33.86 39.91
C PHE A 152 -15.55 32.90 40.29
N ARG A 153 -16.81 33.35 40.30
CA ARG A 153 -17.94 32.51 40.68
C ARG A 153 -18.45 31.67 39.52
N VAL A 154 -17.79 31.70 38.36
CA VAL A 154 -18.24 30.91 37.22
C VAL A 154 -18.04 29.43 37.48
N TYR A 155 -16.89 29.05 38.03
CA TYR A 155 -16.57 27.66 38.32
C TYR A 155 -16.83 27.36 39.79
N SER A 156 -17.02 26.07 40.08
CA SER A 156 -17.29 25.63 41.45
C SER A 156 -16.01 25.52 42.26
N SER A 157 -15.09 24.68 41.81
CA SER A 157 -13.82 24.46 42.50
C SER A 157 -12.79 24.01 41.49
N ALA A 158 -11.65 23.54 42.00
CA ALA A 158 -10.55 23.08 41.16
C ALA A 158 -10.42 21.56 41.24
N ASN A 159 -9.61 21.01 40.34
CA ASN A 159 -9.40 19.58 40.24
C ASN A 159 -7.95 19.35 39.79
N ASN A 160 -7.65 18.14 39.33
CA ASN A 160 -6.32 17.82 38.83
C ASN A 160 -6.13 18.52 37.49
N CYS A 161 -5.50 19.70 37.53
CA CYS A 161 -5.37 20.54 36.35
C CYS A 161 -4.24 20.04 35.47
N THR A 162 -3.89 20.84 34.46
CA THR A 162 -2.89 20.47 33.45
C THR A 162 -2.14 21.72 33.05
N PHE A 163 -1.43 21.66 31.93
CA PHE A 163 -0.64 22.78 31.45
C PHE A 163 -1.50 24.01 31.23
N GLU A 164 -0.91 25.19 31.47
CA GLU A 164 -1.60 26.47 31.35
C GLU A 164 -0.71 27.45 30.59
N TYR A 165 -1.32 28.17 29.66
CA TYR A 165 -0.60 29.15 28.85
C TYR A 165 -0.52 30.48 29.61
N VAL A 166 0.66 31.10 29.58
CA VAL A 166 0.91 32.33 30.31
C VAL A 166 1.11 33.47 29.31
N SER A 167 0.43 33.39 28.17
CA SER A 167 0.56 34.38 27.12
C SER A 167 0.23 35.78 27.61
N GLN A 168 1.22 36.65 27.66
CA GLN A 168 1.07 38.03 28.11
C GLN A 168 0.41 38.92 27.07
N PRO A 169 0.68 38.75 25.77
CA PRO A 169 -0.08 39.50 24.76
C PRO A 169 -1.59 39.46 25.01
N PHE A 170 -2.19 40.64 25.06
CA PHE A 170 -3.63 40.75 25.29
C PHE A 170 -4.40 40.27 24.07
N LEU A 171 -5.52 39.60 24.33
CA LEU A 171 -6.39 39.08 23.26
C LEU A 171 -7.16 40.25 22.67
N MET A 172 -6.66 40.80 21.57
CA MET A 172 -7.31 41.92 20.90
C MET A 172 -8.62 41.50 20.26
N GLY A 179 -14.32 56.28 21.74
CA GLY A 179 -15.63 56.67 21.25
C GLY A 179 -15.63 57.05 19.78
N ASN A 180 -15.22 56.11 18.93
CA ASN A 180 -15.17 56.33 17.49
C ASN A 180 -16.17 55.46 16.74
N PHE A 181 -16.13 54.15 16.94
CA PHE A 181 -17.07 53.23 16.30
C PHE A 181 -17.09 51.93 17.11
N LYS A 182 -17.68 50.89 16.52
CA LYS A 182 -17.78 49.57 17.15
C LYS A 182 -16.88 48.63 16.36
N ASN A 183 -15.68 48.40 16.89
CA ASN A 183 -14.69 47.59 16.18
C ASN A 183 -15.14 46.13 16.09
N LEU A 184 -14.56 45.42 15.13
CA LEU A 184 -14.86 44.02 14.89
C LEU A 184 -13.75 43.14 15.44
N ARG A 185 -14.13 42.09 16.17
CA ARG A 185 -13.19 41.09 16.65
C ARG A 185 -13.73 39.71 16.32
N GLU A 186 -12.91 38.91 15.66
CA GLU A 186 -13.30 37.58 15.21
C GLU A 186 -12.26 36.56 15.65
N PHE A 187 -12.74 35.35 15.98
CA PHE A 187 -11.89 34.28 16.45
C PHE A 187 -12.38 32.96 15.86
N VAL A 188 -11.45 32.02 15.71
CA VAL A 188 -11.73 30.69 15.18
C VAL A 188 -11.18 29.67 16.16
N PHE A 189 -12.05 28.77 16.62
CA PHE A 189 -11.68 27.72 17.57
C PHE A 189 -11.90 26.35 16.94
N LYS A 190 -10.93 25.46 17.14
CA LYS A 190 -11.04 24.08 16.66
C LYS A 190 -9.99 23.25 17.38
N ASN A 191 -10.04 21.94 17.15
CA ASN A 191 -9.08 21.02 17.74
C ASN A 191 -8.93 19.81 16.80
N ILE A 192 -7.77 19.66 16.20
CA ILE A 192 -7.47 18.55 15.31
C ILE A 192 -6.06 18.04 15.60
N ASP A 193 -5.90 16.73 15.55
CA ASP A 193 -4.60 16.08 15.77
C ASP A 193 -4.01 16.45 17.13
N GLY A 194 -4.87 16.56 18.14
CA GLY A 194 -4.43 16.89 19.47
C GLY A 194 -3.85 18.27 19.62
N TYR A 195 -4.22 19.20 18.75
CA TYR A 195 -3.73 20.58 18.78
C TYR A 195 -4.93 21.51 18.79
N PHE A 196 -5.12 22.22 19.91
CA PHE A 196 -6.21 23.19 20.04
C PHE A 196 -5.75 24.53 19.47
N LYS A 197 -6.07 24.72 18.19
CA LYS A 197 -5.64 25.92 17.49
C LYS A 197 -6.68 27.02 17.59
N ILE A 198 -6.23 28.24 17.91
CA ILE A 198 -7.08 29.41 18.00
C ILE A 198 -6.52 30.47 17.07
N TYR A 199 -7.38 30.99 16.19
CA TYR A 199 -6.99 31.97 15.18
C TYR A 199 -7.71 33.28 15.45
N SER A 200 -7.06 34.40 15.13
CA SER A 200 -7.64 35.72 15.39
C SER A 200 -7.13 36.71 14.35
N LYS A 201 -8.03 37.57 13.88
CA LYS A 201 -7.70 38.64 12.93
C LYS A 201 -8.36 39.94 13.37
N HIS A 202 -8.21 40.30 14.64
CA HIS A 202 -8.78 41.53 15.16
C HIS A 202 -8.26 42.74 14.39
N THR A 203 -9.13 43.40 13.64
CA THR A 203 -8.77 44.54 12.80
C THR A 203 -9.82 45.63 12.93
N PRO A 204 -9.42 46.90 12.81
CA PRO A 204 -10.40 48.00 12.87
C PRO A 204 -11.38 47.92 11.70
N ILE A 205 -12.66 47.86 12.04
CA ILE A 205 -13.72 47.77 11.04
C ILE A 205 -14.21 49.17 10.69
N ILE A 206 -14.91 49.28 9.57
CA ILE A 206 -15.52 50.54 9.14
C ILE A 206 -16.66 50.90 10.08
N VAL A 207 -17.15 52.13 9.99
CA VAL A 207 -18.13 52.65 10.96
C VAL A 207 -19.51 52.28 10.44
N ARG A 208 -19.92 51.05 10.74
CA ARG A 208 -21.28 50.55 10.51
C ARG A 208 -21.76 50.84 9.10
N GLU A 209 -21.02 50.33 8.11
CA GLU A 209 -21.43 50.50 6.72
C GLU A 209 -22.51 49.49 6.34
N PRO A 210 -22.27 48.16 6.51
CA PRO A 210 -23.32 47.20 6.12
C PRO A 210 -24.31 46.89 7.24
N GLU A 211 -23.91 47.15 8.48
CA GLU A 211 -24.68 46.96 9.71
C GLU A 211 -24.94 45.48 10.04
N ASP A 212 -24.55 44.55 9.17
CA ASP A 212 -24.70 43.12 9.45
C ASP A 212 -23.35 42.42 9.53
N LEU A 213 -22.53 42.50 8.47
CA LEU A 213 -21.20 41.90 8.44
C LEU A 213 -20.39 42.62 7.39
N PRO A 214 -19.11 42.90 7.63
CA PRO A 214 -18.33 43.69 6.67
C PRO A 214 -18.05 42.90 5.40
N GLN A 215 -17.65 43.65 4.36
CA GLN A 215 -17.31 43.07 3.07
C GLN A 215 -15.81 42.76 3.05
N GLY A 216 -15.30 42.37 1.89
CA GLY A 216 -13.90 42.07 1.74
C GLY A 216 -13.51 40.72 2.32
N PHE A 217 -12.36 40.23 1.88
CA PHE A 217 -11.86 38.94 2.33
C PHE A 217 -10.94 39.12 3.54
N SER A 218 -10.99 38.14 4.44
CA SER A 218 -10.15 38.13 5.63
C SER A 218 -9.58 36.74 5.84
N ALA A 219 -8.48 36.68 6.57
CA ALA A 219 -7.82 35.41 6.87
C ALA A 219 -7.24 35.50 8.27
N LEU A 220 -7.86 34.80 9.22
CA LEU A 220 -7.46 34.90 10.61
C LEU A 220 -6.09 34.26 10.83
N GLU A 221 -5.12 35.06 11.23
CA GLU A 221 -3.77 34.56 11.49
C GLU A 221 -3.77 33.64 12.70
N PRO A 222 -2.86 32.68 12.75
CA PRO A 222 -2.79 31.78 13.92
C PRO A 222 -2.42 32.55 15.17
N LEU A 223 -3.38 32.61 16.11
CA LEU A 223 -3.13 33.31 17.37
C LEU A 223 -2.32 32.44 18.33
N VAL A 224 -2.88 31.29 18.71
CA VAL A 224 -2.22 30.37 19.63
C VAL A 224 -2.51 28.93 19.23
N ASP A 225 -1.75 28.01 19.80
CA ASP A 225 -1.91 26.58 19.55
C ASP A 225 -1.59 25.83 20.83
N LEU A 226 -2.63 25.51 21.60
CA LEU A 226 -2.44 24.73 22.81
C LEU A 226 -2.13 23.28 22.45
N PRO A 227 -1.10 22.69 23.06
CA PRO A 227 -0.74 21.30 22.72
C PRO A 227 -1.62 20.25 23.37
N ILE A 228 -2.67 20.64 24.11
CA ILE A 228 -3.53 19.66 24.74
C ILE A 228 -4.36 18.94 23.69
N GLY A 229 -4.71 17.69 23.98
CA GLY A 229 -5.45 16.89 23.02
C GLY A 229 -6.79 16.40 23.52
N ILE A 230 -7.33 17.06 24.55
CA ILE A 230 -8.64 16.69 25.06
C ILE A 230 -9.72 17.05 24.04
N ASN A 231 -10.79 16.26 24.03
CA ASN A 231 -11.88 16.44 23.08
C ASN A 231 -12.92 17.42 23.63
N ILE A 232 -13.48 18.21 22.72
CA ILE A 232 -14.49 19.21 23.05
C ILE A 232 -15.71 18.98 22.17
N THR A 233 -16.89 18.94 22.78
CA THR A 233 -18.13 18.73 22.06
C THR A 233 -19.13 19.87 22.23
N ARG A 234 -19.07 20.60 23.33
CA ARG A 234 -19.98 21.71 23.59
C ARG A 234 -19.20 23.03 23.59
N PHE A 235 -19.92 24.11 23.33
CA PHE A 235 -19.33 25.45 23.26
C PHE A 235 -20.23 26.45 23.96
N GLN A 236 -19.61 27.39 24.66
CA GLN A 236 -20.33 28.46 25.35
C GLN A 236 -19.44 29.70 25.33
N THR A 237 -19.85 30.73 26.07
CA THR A 237 -19.11 31.98 26.12
C THR A 237 -19.14 32.52 27.55
N LEU A 238 -18.24 33.46 27.83
CA LEU A 238 -18.11 34.09 29.14
C LEU A 238 -18.34 35.58 28.99
N LEU A 239 -19.28 36.11 29.77
CA LEU A 239 -19.59 37.53 29.75
C LEU A 239 -18.72 38.26 30.76
N ALA A 240 -18.01 39.29 30.30
CA ALA A 240 -17.14 40.07 31.17
C ALA A 240 -17.86 41.32 31.68
N LEU A 241 -18.90 41.08 32.47
CA LEU A 241 -19.70 42.17 33.04
C LEU A 241 -19.67 42.12 34.56
N ALA A 259 -24.81 46.10 23.88
CA ALA A 259 -25.26 46.27 22.50
C ALA A 259 -24.38 45.48 21.54
N ALA A 260 -23.82 44.38 22.03
CA ALA A 260 -22.97 43.51 21.22
C ALA A 260 -23.83 42.54 20.42
N ALA A 261 -23.18 41.56 19.79
CA ALA A 261 -23.89 40.58 18.98
C ALA A 261 -23.02 39.34 18.82
N TYR A 262 -23.63 38.16 18.91
CA TYR A 262 -22.94 36.90 18.74
C TYR A 262 -23.10 36.42 17.30
N TYR A 263 -21.98 36.29 16.59
CA TYR A 263 -21.94 35.76 15.23
C TYR A 263 -21.14 34.46 15.27
N VAL A 264 -21.84 33.32 15.23
CA VAL A 264 -21.20 32.02 15.28
C VAL A 264 -21.65 31.19 14.08
N GLY A 265 -20.87 30.16 13.78
CA GLY A 265 -21.16 29.27 12.66
C GLY A 265 -20.58 27.91 12.91
N TYR A 266 -20.80 27.01 11.95
CA TYR A 266 -20.32 25.63 12.02
C TYR A 266 -19.33 25.39 10.88
N LEU A 267 -18.11 25.00 11.25
CA LEU A 267 -17.06 24.73 10.26
C LEU A 267 -17.19 23.30 9.75
N GLN A 268 -18.22 23.09 8.93
CA GLN A 268 -18.46 21.79 8.36
C GLN A 268 -17.38 21.45 7.32
N PRO A 269 -16.99 20.17 7.22
CA PRO A 269 -15.89 19.81 6.33
C PRO A 269 -16.27 19.96 4.87
N ARG A 270 -15.45 20.72 4.12
CA ARG A 270 -15.64 20.91 2.70
C ARG A 270 -14.29 21.22 2.07
N THR A 271 -14.28 21.27 0.74
CA THR A 271 -13.07 21.53 -0.03
C THR A 271 -13.00 23.02 -0.37
N PHE A 272 -12.00 23.71 0.15
CA PHE A 272 -11.82 25.13 -0.09
C PHE A 272 -10.50 25.38 -0.81
N LEU A 273 -10.46 26.48 -1.56
CA LEU A 273 -9.28 26.87 -2.32
C LEU A 273 -8.89 28.29 -1.93
N LEU A 274 -7.58 28.52 -1.78
CA LEU A 274 -7.06 29.81 -1.38
C LEU A 274 -5.90 30.22 -2.29
N LYS A 275 -5.58 31.51 -2.27
CA LYS A 275 -4.48 32.06 -3.05
C LYS A 275 -3.61 32.91 -2.13
N TYR A 276 -2.40 32.43 -1.85
CA TYR A 276 -1.46 33.15 -1.01
C TYR A 276 -0.63 34.13 -1.84
N ASN A 277 0.12 34.97 -1.14
CA ASN A 277 0.98 35.96 -1.77
C ASN A 277 2.39 35.86 -1.18
N GLU A 278 3.32 36.61 -1.76
CA GLU A 278 4.69 36.61 -1.28
C GLU A 278 4.84 37.34 0.04
N ASN A 279 3.91 38.23 0.38
CA ASN A 279 3.98 38.94 1.64
C ASN A 279 3.39 38.16 2.80
N GLY A 280 2.55 37.17 2.52
CA GLY A 280 1.92 36.35 3.54
C GLY A 280 0.41 36.42 3.57
N THR A 281 -0.18 37.50 3.07
CA THR A 281 -1.62 37.65 3.07
C THR A 281 -2.25 36.80 1.98
N ILE A 282 -3.52 36.46 2.18
CA ILE A 282 -4.29 35.65 1.23
C ILE A 282 -5.19 36.59 0.44
N THR A 283 -5.07 36.56 -0.88
CA THR A 283 -5.83 37.48 -1.72
C THR A 283 -7.25 36.97 -1.97
N ASP A 284 -7.37 35.81 -2.61
CA ASP A 284 -8.67 35.27 -3.00
C ASP A 284 -8.88 33.90 -2.37
N ALA A 285 -10.15 33.52 -2.29
CA ALA A 285 -10.54 32.22 -1.75
C ALA A 285 -11.92 31.85 -2.30
N VAL A 286 -12.06 30.59 -2.69
CA VAL A 286 -13.29 30.04 -3.21
C VAL A 286 -13.71 28.86 -2.35
N ASP A 287 -15.02 28.76 -2.10
CA ASP A 287 -15.57 27.71 -1.25
C ASP A 287 -15.85 26.41 -2.00
N CYS A 288 -15.96 26.48 -3.32
CA CYS A 288 -16.16 25.31 -4.18
C CYS A 288 -17.46 24.56 -3.88
N ALA A 289 -18.38 25.18 -3.15
CA ALA A 289 -19.64 24.52 -2.81
C ALA A 289 -20.84 25.46 -2.86
N LEU A 290 -20.68 26.70 -3.33
CA LEU A 290 -21.75 27.68 -3.31
C LEU A 290 -22.64 27.60 -4.54
N ASP A 291 -22.05 27.81 -5.72
CA ASP A 291 -22.76 27.86 -6.98
C ASP A 291 -22.00 27.08 -8.02
N PRO A 292 -22.66 26.64 -9.10
CA PRO A 292 -21.95 25.93 -10.17
C PRO A 292 -20.74 26.68 -10.70
N LEU A 293 -20.77 28.02 -10.71
CA LEU A 293 -19.59 28.79 -11.07
C LEU A 293 -18.47 28.58 -10.05
N SER A 294 -18.83 28.51 -8.76
CA SER A 294 -17.84 28.23 -7.74
C SER A 294 -17.28 26.81 -7.87
N GLU A 295 -18.14 25.86 -8.26
CA GLU A 295 -17.66 24.50 -8.49
C GLU A 295 -16.71 24.45 -9.68
N THR A 296 -17.01 25.19 -10.75
CA THR A 296 -16.15 25.20 -11.92
C THR A 296 -14.83 25.92 -11.65
N LYS A 297 -14.85 26.94 -10.79
CA LYS A 297 -13.65 27.71 -10.52
C LYS A 297 -12.58 26.85 -9.83
N CYS A 298 -13.00 25.84 -9.07
CA CYS A 298 -12.08 24.96 -8.35
C CYS A 298 -11.70 23.73 -9.17
N THR A 299 -11.96 23.75 -10.49
CA THR A 299 -11.58 22.64 -11.35
C THR A 299 -10.42 22.99 -12.28
N LEU A 300 -10.20 24.27 -12.58
CA LEU A 300 -9.09 24.70 -13.41
C LEU A 300 -7.90 25.20 -12.59
N LYS A 301 -7.98 25.12 -11.27
CA LYS A 301 -6.92 25.59 -10.36
C LYS A 301 -6.59 27.05 -10.63
N SER A 302 -7.65 27.87 -10.74
CA SER A 302 -7.51 29.30 -11.00
C SER A 302 -8.58 30.04 -10.22
N PHE A 303 -8.59 31.37 -10.36
CA PHE A 303 -9.58 32.21 -9.71
C PHE A 303 -10.31 33.14 -10.66
N THR A 304 -9.91 33.23 -11.92
CA THR A 304 -10.61 34.00 -12.93
C THR A 304 -11.04 33.07 -14.06
N VAL A 305 -12.24 33.32 -14.59
CA VAL A 305 -12.81 32.50 -15.65
C VAL A 305 -13.22 33.41 -16.80
N GLU A 306 -13.39 32.80 -17.97
CA GLU A 306 -13.76 33.53 -19.18
C GLU A 306 -14.84 32.72 -19.90
N LYS A 307 -15.15 33.12 -21.12
CA LYS A 307 -16.18 32.44 -21.91
C LYS A 307 -15.77 31.00 -22.19
N GLY A 308 -16.66 30.07 -21.85
CA GLY A 308 -16.39 28.67 -22.10
C GLY A 308 -17.38 27.80 -21.36
N ILE A 309 -17.11 26.50 -21.40
CA ILE A 309 -17.90 25.49 -20.70
C ILE A 309 -16.96 24.44 -20.14
N TYR A 310 -17.09 24.14 -18.85
CA TYR A 310 -16.18 23.21 -18.19
C TYR A 310 -16.96 22.31 -17.24
N GLN A 311 -16.40 21.13 -16.99
CA GLN A 311 -17.02 20.14 -16.12
C GLN A 311 -16.41 20.19 -14.72
N THR A 312 -17.01 19.43 -13.82
CA THR A 312 -16.56 19.31 -12.44
C THR A 312 -16.37 17.84 -12.10
N SER A 313 -15.92 17.58 -10.87
CA SER A 313 -15.68 16.20 -10.43
C SER A 313 -15.98 16.11 -8.94
N ASN A 314 -17.21 15.72 -8.62
CA ASN A 314 -17.63 15.39 -7.25
C ASN A 314 -17.29 16.51 -6.27
N PHE A 315 -17.67 17.73 -6.64
CA PHE A 315 -17.46 18.87 -5.76
C PHE A 315 -18.74 19.36 -5.09
N ARG A 316 -19.91 19.00 -5.61
CA ARG A 316 -21.16 19.39 -4.97
C ARG A 316 -21.40 18.60 -3.69
N VAL A 317 -20.87 17.38 -3.60
CA VAL A 317 -20.95 16.56 -2.40
C VAL A 317 -19.52 16.29 -1.94
N GLN A 318 -19.23 16.66 -0.69
CA GLN A 318 -17.85 16.48 -0.24
C GLN A 318 -17.75 15.27 0.68
N PRO A 319 -16.66 14.51 0.55
CA PRO A 319 -16.42 13.38 1.45
C PRO A 319 -16.49 13.80 2.91
N THR A 320 -17.05 12.91 3.75
CA THR A 320 -17.18 13.17 5.17
C THR A 320 -16.05 12.55 5.98
N GLU A 321 -15.86 11.24 5.87
CA GLU A 321 -14.81 10.53 6.60
C GLU A 321 -13.86 9.86 5.60
N SER A 322 -12.94 9.06 6.15
CA SER A 322 -11.97 8.33 5.34
C SER A 322 -11.82 6.92 5.89
N ILE A 323 -11.92 5.93 5.01
CA ILE A 323 -11.84 4.52 5.39
C ILE A 323 -10.68 3.88 4.63
N VAL A 324 -9.91 3.04 5.33
CA VAL A 324 -8.78 2.36 4.71
C VAL A 324 -8.97 0.84 4.79
N ARG A 325 -8.99 0.32 6.02
CA ARG A 325 -9.16 -1.12 6.27
C ARG A 325 -8.21 -1.95 5.41
N PHE A 326 -6.92 -1.60 5.46
CA PHE A 326 -5.93 -2.31 4.66
C PHE A 326 -5.60 -3.68 5.23
N PRO A 327 -5.14 -3.80 6.47
CA PRO A 327 -4.73 -5.11 6.98
C PRO A 327 -5.85 -5.82 7.75
N ASN A 328 -5.60 -7.08 8.06
CA ASN A 328 -6.52 -7.87 8.87
C ASN A 328 -5.81 -8.73 9.91
N ILE A 329 -4.48 -8.76 9.92
CA ILE A 329 -3.71 -9.60 10.81
C ILE A 329 -2.83 -8.72 11.69
N THR A 330 -2.65 -9.13 12.94
CA THR A 330 -1.83 -8.40 13.90
C THR A 330 -0.50 -9.04 14.21
N ASN A 331 -0.39 -10.36 14.08
CA ASN A 331 0.85 -11.06 14.39
C ASN A 331 1.82 -10.97 13.21
N LEU A 332 3.06 -10.61 13.50
CA LEU A 332 4.08 -10.48 12.47
C LEU A 332 4.55 -11.87 12.02
N CYS A 333 5.37 -11.87 10.99
CA CYS A 333 5.95 -13.08 10.43
C CYS A 333 7.46 -13.14 10.67
N PRO A 334 8.05 -14.33 10.70
CA PRO A 334 9.50 -14.42 10.91
C PRO A 334 10.30 -13.89 9.74
N PHE A 335 10.26 -12.58 9.53
CA PHE A 335 10.99 -11.95 8.44
C PHE A 335 12.47 -11.78 8.75
N ASP A 336 12.85 -11.87 10.02
CA ASP A 336 14.25 -11.69 10.41
C ASP A 336 15.03 -12.99 10.43
N GLU A 337 14.38 -14.14 10.28
CA GLU A 337 15.10 -15.40 10.27
C GLU A 337 15.98 -15.53 9.04
N VAL A 338 15.58 -14.93 7.92
CA VAL A 338 16.40 -14.95 6.71
C VAL A 338 17.46 -13.86 6.70
N PHE A 339 17.39 -12.92 7.64
CA PHE A 339 18.35 -11.81 7.72
C PHE A 339 19.47 -12.07 8.73
N ASN A 340 19.15 -12.66 9.87
CA ASN A 340 20.14 -12.93 10.91
C ASN A 340 20.01 -14.39 11.32
N ALA A 341 20.93 -15.23 10.85
CA ALA A 341 20.92 -16.65 11.14
C ALA A 341 22.34 -17.19 10.93
N THR A 342 22.46 -18.51 10.85
CA THR A 342 23.74 -19.16 10.64
C THR A 342 24.12 -19.06 9.17
N ARG A 343 25.13 -19.83 8.76
CA ARG A 343 25.58 -19.83 7.37
C ARG A 343 24.42 -20.14 6.42
N PHE A 344 24.25 -19.29 5.41
CA PHE A 344 23.14 -19.41 4.48
C PHE A 344 23.47 -20.45 3.41
N ALA A 345 22.66 -20.48 2.34
CA ALA A 345 22.83 -21.44 1.27
C ALA A 345 24.08 -21.11 0.45
N SER A 346 24.34 -21.95 -0.55
CA SER A 346 25.47 -21.75 -1.45
C SER A 346 25.03 -20.92 -2.64
N VAL A 347 25.86 -20.87 -3.69
CA VAL A 347 25.52 -20.10 -4.88
C VAL A 347 24.76 -20.95 -5.89
N TYR A 348 25.09 -22.24 -6.00
CA TYR A 348 24.39 -23.10 -6.94
C TYR A 348 22.99 -23.46 -6.48
N ALA A 349 22.72 -23.39 -5.18
CA ALA A 349 21.40 -23.67 -4.63
C ALA A 349 20.94 -22.49 -3.79
N TRP A 350 19.64 -22.19 -3.86
CA TRP A 350 19.07 -21.07 -3.15
C TRP A 350 17.73 -21.46 -2.57
N ASN A 351 17.53 -21.16 -1.28
CA ASN A 351 16.27 -21.46 -0.62
C ASN A 351 15.20 -20.48 -1.05
N ARG A 352 13.95 -20.79 -0.68
CA ARG A 352 12.81 -19.94 -1.01
C ARG A 352 11.74 -20.16 0.05
N LYS A 353 11.61 -19.21 0.96
CA LYS A 353 10.58 -19.26 1.99
C LYS A 353 9.37 -18.46 1.52
N ARG A 354 8.19 -19.08 1.58
CA ARG A 354 6.95 -18.45 1.16
C ARG A 354 6.24 -17.88 2.37
N ILE A 355 6.26 -16.56 2.51
CA ILE A 355 5.53 -15.91 3.59
C ILE A 355 4.03 -16.10 3.37
N SER A 356 3.30 -16.19 4.47
CA SER A 356 1.88 -16.51 4.45
C SER A 356 1.10 -15.40 5.15
N ASN A 357 -0.18 -15.68 5.44
CA ASN A 357 -1.05 -14.72 6.11
C ASN A 357 -0.37 -14.13 7.34
N CYS A 358 -0.13 -12.83 7.29
CA CYS A 358 0.66 -12.12 8.28
C CYS A 358 0.44 -10.63 8.08
N VAL A 359 1.26 -9.82 8.76
CA VAL A 359 1.27 -8.37 8.58
C VAL A 359 2.73 -7.93 8.49
N ALA A 360 3.04 -7.13 7.47
CA ALA A 360 4.40 -6.68 7.24
C ALA A 360 4.70 -5.42 8.04
N ASP A 361 5.87 -5.39 8.67
CA ASP A 361 6.34 -4.25 9.45
C ASP A 361 7.78 -3.99 9.06
N TYR A 362 7.97 -3.17 8.02
CA TYR A 362 9.31 -2.83 7.54
C TYR A 362 10.02 -1.80 8.42
N SER A 363 9.37 -1.32 9.48
CA SER A 363 10.00 -0.34 10.34
C SER A 363 11.13 -0.95 11.16
N VAL A 364 11.01 -2.21 11.55
CA VAL A 364 12.04 -2.86 12.34
C VAL A 364 13.25 -3.28 11.50
N LEU A 365 13.12 -3.30 10.18
CA LEU A 365 14.22 -3.64 9.30
C LEU A 365 15.05 -2.43 8.88
N TYR A 366 14.68 -1.23 9.32
CA TYR A 366 15.38 0.00 8.94
C TYR A 366 16.38 0.44 10.00
N ASN A 367 15.91 0.65 11.24
CA ASN A 367 16.80 1.11 12.30
C ASN A 367 17.63 -0.03 12.86
N LEU A 368 17.01 -1.20 13.07
CA LEU A 368 17.74 -2.35 13.58
C LEU A 368 18.46 -3.05 12.43
N ALA A 369 19.69 -3.52 12.70
CA ALA A 369 20.53 -4.17 11.71
C ALA A 369 20.69 -3.30 10.47
N PRO A 370 21.45 -2.21 10.54
CA PRO A 370 21.61 -1.33 9.38
C PRO A 370 22.18 -2.08 8.18
N PHE A 371 21.38 -2.17 7.12
CA PHE A 371 21.77 -2.86 5.91
C PHE A 371 22.39 -1.88 4.91
N PHE A 372 22.69 -2.38 3.72
CA PHE A 372 23.22 -1.56 2.64
C PHE A 372 22.07 -0.85 1.92
N THR A 373 22.37 -0.27 0.76
CA THR A 373 21.35 0.45 0.00
C THR A 373 20.19 -0.47 -0.37
N PHE A 374 18.98 0.08 -0.30
CA PHE A 374 17.76 -0.70 -0.57
C PHE A 374 17.34 -0.47 -2.02
N LYS A 375 18.12 -1.05 -2.92
CA LYS A 375 17.88 -0.92 -4.36
C LYS A 375 16.65 -1.75 -4.72
N CYS A 376 15.50 -1.08 -4.86
CA CYS A 376 14.24 -1.73 -5.19
C CYS A 376 13.89 -1.43 -6.64
N TYR A 377 13.77 -2.47 -7.44
CA TYR A 377 13.42 -2.34 -8.85
C TYR A 377 11.96 -2.71 -9.08
N GLY A 378 11.36 -2.05 -10.05
CA GLY A 378 9.95 -2.28 -10.38
C GLY A 378 8.97 -1.46 -9.58
N VAL A 379 9.11 -1.47 -8.25
CA VAL A 379 8.26 -0.69 -7.38
C VAL A 379 9.06 0.48 -6.81
N SER A 380 8.37 1.40 -6.15
CA SER A 380 9.03 2.55 -5.57
C SER A 380 9.89 2.12 -4.38
N PRO A 381 11.09 2.70 -4.21
CA PRO A 381 11.92 2.32 -3.07
C PRO A 381 11.34 2.72 -1.73
N THR A 382 10.46 3.71 -1.69
CA THR A 382 9.79 4.14 -0.48
C THR A 382 8.30 3.83 -0.57
N LYS A 383 7.57 4.23 0.47
CA LYS A 383 6.13 3.97 0.57
C LYS A 383 5.82 2.48 0.42
N LEU A 384 6.68 1.64 1.01
CA LEU A 384 6.49 0.20 0.99
C LEU A 384 5.64 -0.31 2.14
N ASN A 385 5.17 0.58 3.01
CA ASN A 385 4.34 0.20 4.13
C ASN A 385 2.85 0.31 3.82
N ASP A 386 2.49 0.59 2.58
CA ASP A 386 1.10 0.71 2.17
C ASP A 386 0.71 -0.24 1.04
N LEU A 387 1.60 -0.47 0.09
CA LEU A 387 1.30 -1.39 -1.01
C LEU A 387 1.26 -2.81 -0.49
N CYS A 388 0.10 -3.47 -0.63
CA CYS A 388 -0.09 -4.83 -0.15
C CYS A 388 -0.13 -5.79 -1.33
N PHE A 389 0.52 -6.94 -1.17
CA PHE A 389 0.57 -7.98 -2.18
C PHE A 389 -0.13 -9.23 -1.65
N THR A 390 -0.15 -10.26 -2.49
CA THR A 390 -0.76 -11.54 -2.12
C THR A 390 0.26 -12.47 -1.48
N ASN A 391 1.34 -12.77 -2.19
CA ASN A 391 2.42 -13.60 -1.69
C ASN A 391 3.74 -12.88 -1.86
N VAL A 392 4.65 -13.08 -0.92
CA VAL A 392 5.96 -12.43 -0.92
C VAL A 392 6.99 -13.49 -0.58
N TYR A 393 7.88 -13.78 -1.53
CA TYR A 393 8.87 -14.84 -1.35
C TYR A 393 10.21 -14.26 -0.92
N ALA A 394 10.90 -14.99 -0.05
CA ALA A 394 12.20 -14.58 0.48
C ALA A 394 13.24 -15.61 0.08
N ASP A 395 14.31 -15.16 -0.58
CA ASP A 395 15.38 -16.03 -1.01
C ASP A 395 16.57 -15.92 -0.05
N SER A 396 17.66 -16.58 -0.42
CA SER A 396 18.89 -16.54 0.37
C SER A 396 20.07 -16.79 -0.56
N PHE A 397 21.12 -16.00 -0.38
CA PHE A 397 22.28 -16.09 -1.28
C PHE A 397 23.47 -15.41 -0.61
N VAL A 398 24.66 -15.82 -1.05
CA VAL A 398 25.91 -15.18 -0.66
C VAL A 398 26.89 -15.28 -1.82
N ILE A 399 27.31 -14.14 -2.36
CA ILE A 399 28.18 -14.09 -3.52
C ILE A 399 29.36 -13.17 -3.23
N ARG A 400 30.30 -13.16 -4.17
CA ARG A 400 31.48 -12.32 -4.03
C ARG A 400 31.14 -10.86 -4.29
N GLY A 401 31.86 -9.96 -3.61
CA GLY A 401 31.59 -8.55 -3.71
C GLY A 401 32.19 -7.87 -4.93
N ASP A 402 32.09 -8.52 -6.09
CA ASP A 402 32.58 -7.95 -7.34
C ASP A 402 31.57 -8.03 -8.47
N GLU A 403 30.46 -8.75 -8.31
CA GLU A 403 29.45 -8.87 -9.35
C GLU A 403 28.04 -8.81 -8.76
N VAL A 404 27.88 -8.12 -7.63
CA VAL A 404 26.55 -8.01 -7.02
C VAL A 404 25.64 -7.14 -7.87
N ARG A 405 26.21 -6.22 -8.66
CA ARG A 405 25.40 -5.38 -9.53
C ARG A 405 24.62 -6.20 -10.56
N GLN A 406 25.08 -7.42 -10.84
CA GLN A 406 24.37 -8.31 -11.76
C GLN A 406 23.06 -8.83 -11.18
N ILE A 407 22.76 -8.55 -9.91
CA ILE A 407 21.50 -9.00 -9.33
C ILE A 407 20.32 -8.19 -9.81
N ALA A 408 20.55 -7.07 -10.46
CA ALA A 408 19.45 -6.25 -10.97
C ALA A 408 18.78 -6.95 -12.16
N PRO A 409 17.49 -6.71 -12.36
CA PRO A 409 16.80 -7.34 -13.49
C PRO A 409 17.37 -6.88 -14.82
N GLY A 410 17.51 -7.83 -15.74
CA GLY A 410 18.03 -7.55 -17.06
C GLY A 410 19.53 -7.47 -17.17
N GLN A 411 20.26 -7.84 -16.11
CA GLN A 411 21.71 -7.80 -16.13
C GLN A 411 22.28 -9.16 -16.55
N THR A 412 23.54 -9.14 -16.97
CA THR A 412 24.24 -10.33 -17.42
C THR A 412 25.61 -10.39 -16.76
N GLY A 413 26.20 -11.59 -16.77
CA GLY A 413 27.51 -11.80 -16.17
C GLY A 413 27.80 -13.26 -15.91
N ASN A 414 28.27 -13.57 -14.70
CA ASN A 414 28.59 -14.93 -14.30
C ASN A 414 27.51 -15.54 -13.40
N ILE A 415 27.18 -14.88 -12.29
CA ILE A 415 26.14 -15.38 -11.42
C ILE A 415 24.74 -15.05 -11.94
N ALA A 416 24.63 -14.12 -12.89
CA ALA A 416 23.35 -13.75 -13.47
C ALA A 416 23.07 -14.48 -14.78
N ASP A 417 23.93 -15.42 -15.18
CA ASP A 417 23.76 -16.18 -16.40
C ASP A 417 23.68 -17.67 -16.17
N TYR A 418 24.44 -18.21 -15.20
CA TYR A 418 24.45 -19.64 -14.94
C TYR A 418 24.16 -19.98 -13.48
N ASN A 419 23.92 -19.00 -12.62
CA ASN A 419 23.63 -19.25 -11.22
C ASN A 419 22.23 -18.81 -10.81
N TYR A 420 21.83 -17.58 -11.16
CA TYR A 420 20.52 -17.08 -10.78
C TYR A 420 20.14 -15.96 -11.74
N LYS A 421 19.12 -16.20 -12.56
CA LYS A 421 18.64 -15.22 -13.52
C LYS A 421 17.42 -14.48 -12.98
N LEU A 422 17.20 -13.28 -13.52
CA LEU A 422 16.07 -12.46 -13.13
C LEU A 422 15.23 -12.11 -14.35
N PRO A 423 13.91 -12.19 -14.25
CA PRO A 423 13.05 -11.86 -15.39
C PRO A 423 13.11 -10.36 -15.70
N ASP A 424 12.58 -10.01 -16.88
CA ASP A 424 12.52 -8.61 -17.28
C ASP A 424 11.54 -7.81 -16.45
N ASP A 425 10.53 -8.46 -15.86
CA ASP A 425 9.55 -7.80 -14.99
C ASP A 425 9.67 -8.43 -13.61
N PHE A 426 10.31 -7.72 -12.69
CA PHE A 426 10.54 -8.19 -11.33
C PHE A 426 10.22 -7.06 -10.36
N THR A 427 9.03 -7.09 -9.78
CA THR A 427 8.62 -6.06 -8.83
C THR A 427 8.97 -6.43 -7.39
N GLY A 428 10.23 -6.79 -7.18
CA GLY A 428 10.72 -7.11 -5.86
C GLY A 428 11.77 -6.12 -5.39
N CYS A 429 12.69 -6.56 -4.53
CA CYS A 429 13.76 -5.68 -4.09
C CYS A 429 14.90 -6.52 -3.52
N VAL A 430 16.12 -6.06 -3.75
CA VAL A 430 17.31 -6.74 -3.25
C VAL A 430 17.71 -6.12 -1.92
N ILE A 431 18.39 -6.91 -1.09
CA ILE A 431 18.90 -6.44 0.19
C ILE A 431 20.20 -7.16 0.47
N ALA A 432 21.12 -6.45 1.13
CA ALA A 432 22.44 -7.01 1.41
C ALA A 432 22.97 -6.44 2.72
N TRP A 433 23.66 -7.28 3.48
CA TRP A 433 24.30 -6.91 4.74
C TRP A 433 25.72 -7.48 4.77
N ASN A 434 26.46 -7.24 3.70
CA ASN A 434 27.83 -7.74 3.57
C ASN A 434 28.68 -7.42 4.78
N SER A 435 29.23 -8.46 5.41
CA SER A 435 30.09 -8.30 6.58
C SER A 435 30.91 -9.56 6.74
N ASN A 436 32.23 -9.41 6.74
CA ASN A 436 33.15 -10.54 6.86
C ASN A 436 33.49 -10.86 8.31
N LYS A 437 32.63 -10.47 9.26
CA LYS A 437 32.87 -10.74 10.67
C LYS A 437 32.20 -12.02 11.14
N LEU A 438 30.98 -12.29 10.65
CA LEU A 438 30.27 -13.51 11.05
C LEU A 438 30.87 -14.75 10.40
N ASP A 439 31.63 -14.60 9.32
CA ASP A 439 32.22 -15.72 8.61
C ASP A 439 33.63 -15.32 8.19
N SER A 440 34.22 -16.13 7.29
CA SER A 440 35.55 -15.88 6.74
C SER A 440 36.61 -15.84 7.84
N LYS A 441 36.77 -16.97 8.52
CA LYS A 441 37.83 -17.12 9.50
C LYS A 441 39.18 -17.27 8.79
N VAL A 442 40.26 -17.12 9.54
CA VAL A 442 41.61 -17.26 8.98
C VAL A 442 41.97 -18.73 9.13
N SER A 443 41.44 -19.53 8.21
CA SER A 443 41.81 -20.94 8.08
C SER A 443 41.92 -21.42 6.66
N GLY A 444 41.44 -20.65 5.68
CA GLY A 444 41.28 -21.14 4.32
C GLY A 444 39.82 -21.46 4.06
N ASN A 445 39.11 -20.55 3.40
CA ASN A 445 37.67 -20.66 3.23
C ASN A 445 37.36 -21.31 1.89
N TYR A 446 36.76 -22.51 1.95
CA TYR A 446 36.34 -23.21 0.75
C TYR A 446 34.99 -23.89 0.95
N ASN A 447 34.13 -23.30 1.78
CA ASN A 447 32.85 -23.92 2.11
C ASN A 447 31.80 -23.68 1.02
N TYR A 448 31.73 -22.46 0.50
CA TYR A 448 30.71 -22.12 -0.49
C TYR A 448 31.18 -22.50 -1.89
N LEU A 449 30.25 -23.04 -2.68
CA LEU A 449 30.51 -23.41 -4.07
C LEU A 449 29.61 -22.63 -5.00
N TYR A 450 29.95 -22.64 -6.28
CA TYR A 450 29.18 -21.94 -7.29
C TYR A 450 29.25 -22.71 -8.60
N ARG A 451 28.25 -22.49 -9.45
CA ARG A 451 28.20 -23.13 -10.75
C ARG A 451 29.33 -22.62 -11.63
N LEU A 452 30.09 -23.55 -12.22
CA LEU A 452 31.24 -23.17 -13.03
C LEU A 452 30.82 -22.76 -14.44
N PHE A 453 30.23 -23.69 -15.19
CA PHE A 453 29.78 -23.41 -16.55
C PHE A 453 28.61 -24.33 -16.88
N ARG A 454 27.82 -23.89 -17.87
CA ARG A 454 26.69 -24.67 -18.35
C ARG A 454 26.61 -24.54 -19.87
N LYS A 455 26.38 -25.66 -20.54
CA LYS A 455 26.29 -25.66 -22.00
C LYS A 455 25.02 -24.97 -22.49
N SER A 456 24.00 -24.86 -21.65
CA SER A 456 22.74 -24.22 -22.01
C SER A 456 22.54 -22.97 -21.16
N ASN A 457 21.52 -22.21 -21.52
CA ASN A 457 21.17 -20.99 -20.81
C ASN A 457 20.22 -21.30 -19.65
N LEU A 458 20.35 -20.52 -18.58
CA LEU A 458 19.53 -20.71 -17.39
C LEU A 458 18.24 -19.90 -17.49
N LYS A 459 17.14 -20.52 -17.07
CA LYS A 459 15.82 -19.90 -17.03
C LYS A 459 15.62 -19.17 -15.71
N PRO A 460 15.08 -17.95 -15.74
CA PRO A 460 14.88 -17.21 -14.49
C PRO A 460 13.96 -17.96 -13.53
N PHE A 461 14.30 -17.88 -12.24
CA PHE A 461 13.56 -18.55 -11.18
C PHE A 461 13.45 -20.05 -11.43
N GLU A 462 14.61 -20.70 -11.48
CA GLU A 462 14.70 -22.13 -11.70
C GLU A 462 15.84 -22.70 -10.87
N ARG A 463 15.53 -23.70 -10.05
CA ARG A 463 16.55 -24.38 -9.27
C ARG A 463 17.49 -25.15 -10.18
N ASP A 464 18.75 -25.23 -9.78
CA ASP A 464 19.80 -25.85 -10.58
C ASP A 464 20.51 -26.93 -9.78
N ILE A 465 19.72 -27.79 -9.11
CA ILE A 465 20.28 -28.90 -8.35
C ILE A 465 20.61 -30.05 -9.30
N SER A 466 21.83 -30.05 -9.83
CA SER A 466 22.25 -31.08 -10.77
C SER A 466 23.77 -31.15 -10.76
N THR A 467 24.31 -32.36 -10.75
CA THR A 467 25.73 -32.61 -10.71
C THR A 467 26.19 -33.43 -11.92
N GLU A 468 25.66 -33.09 -13.09
CA GLU A 468 26.07 -33.78 -14.31
C GLU A 468 27.48 -33.35 -14.71
N ILE A 469 28.22 -34.29 -15.30
CA ILE A 469 29.59 -34.02 -15.72
C ILE A 469 29.55 -33.04 -16.88
N TYR A 470 30.09 -31.85 -16.67
CA TYR A 470 30.09 -30.83 -17.71
C TYR A 470 31.14 -31.17 -18.77
N GLN A 471 30.76 -31.04 -20.04
CA GLN A 471 31.63 -31.33 -21.16
C GLN A 471 31.78 -30.09 -22.02
N ALA A 472 33.02 -29.73 -22.34
CA ALA A 472 33.30 -28.56 -23.18
C ALA A 472 34.26 -28.85 -24.32
N GLY A 473 34.68 -30.11 -24.51
CA GLY A 473 35.58 -30.46 -25.59
C GLY A 473 34.84 -30.86 -26.85
N ASN A 474 35.63 -31.27 -27.84
CA ASN A 474 35.06 -31.70 -29.11
C ASN A 474 34.38 -33.07 -29.02
N LYS A 475 34.70 -33.85 -27.99
CA LYS A 475 34.12 -35.17 -27.80
C LYS A 475 33.53 -35.28 -26.40
N PRO A 476 32.45 -36.04 -26.25
CA PRO A 476 31.87 -36.23 -24.91
C PRO A 476 32.82 -37.00 -24.00
N CYS A 477 32.82 -36.61 -22.72
CA CYS A 477 33.71 -37.26 -21.76
C CYS A 477 33.12 -38.53 -21.17
N ASN A 478 31.80 -38.70 -21.24
CA ASN A 478 31.11 -39.87 -20.70
C ASN A 478 31.37 -40.05 -19.21
N GLY A 479 31.53 -38.94 -18.49
CA GLY A 479 31.74 -38.99 -17.05
C GLY A 479 33.09 -39.53 -16.63
N VAL A 480 34.15 -38.79 -16.96
CA VAL A 480 35.50 -39.17 -16.56
C VAL A 480 36.21 -38.08 -15.76
N ALA A 481 35.79 -36.83 -15.85
CA ALA A 481 36.38 -35.71 -15.12
C ALA A 481 37.88 -35.59 -15.45
N GLY A 482 38.16 -35.34 -16.72
CA GLY A 482 39.53 -35.20 -17.18
C GLY A 482 39.79 -33.88 -17.87
N PHE A 483 40.55 -33.92 -18.97
CA PHE A 483 40.87 -32.71 -19.72
C PHE A 483 39.60 -32.16 -20.37
N ASN A 484 39.29 -30.89 -20.06
CA ASN A 484 38.09 -30.22 -20.55
C ASN A 484 36.81 -30.93 -20.11
N CYS A 485 36.87 -31.61 -18.97
CA CYS A 485 35.72 -32.28 -18.37
C CYS A 485 35.58 -31.88 -16.91
N TYR A 486 35.79 -30.61 -16.62
CA TYR A 486 35.78 -30.12 -15.25
C TYR A 486 34.38 -30.21 -14.65
N PHE A 487 34.34 -30.34 -13.33
CA PHE A 487 33.06 -30.40 -12.62
C PHE A 487 32.41 -29.02 -12.62
N PRO A 488 31.09 -28.94 -12.85
CA PRO A 488 30.43 -27.64 -12.94
C PRO A 488 30.22 -26.93 -11.62
N LEU A 489 30.80 -27.41 -10.52
CA LEU A 489 30.67 -26.77 -9.21
C LEU A 489 32.06 -26.55 -8.65
N ARG A 490 32.47 -25.28 -8.57
CA ARG A 490 33.78 -24.91 -8.07
C ARG A 490 33.63 -24.17 -6.75
N SER A 491 34.54 -24.45 -5.81
CA SER A 491 34.47 -23.84 -4.50
C SER A 491 34.87 -22.36 -4.57
N TYR A 492 34.50 -21.63 -3.51
CA TYR A 492 34.81 -20.22 -3.39
C TYR A 492 35.97 -20.01 -2.42
N SER A 493 36.41 -18.75 -2.30
CA SER A 493 37.49 -18.39 -1.40
C SER A 493 37.17 -17.01 -0.82
N PHE A 494 36.78 -16.96 0.45
CA PHE A 494 36.40 -15.72 1.12
C PHE A 494 37.37 -15.50 2.28
N ARG A 495 38.38 -14.64 2.05
CA ARG A 495 39.34 -14.32 3.09
C ARG A 495 38.98 -12.99 3.74
N PRO A 496 39.18 -12.87 5.06
CA PRO A 496 38.85 -11.61 5.74
C PRO A 496 39.79 -10.46 5.37
N THR A 497 40.98 -10.75 4.87
CA THR A 497 41.96 -9.73 4.48
C THR A 497 42.02 -9.70 2.95
N TYR A 498 41.13 -8.91 2.35
CA TYR A 498 41.09 -8.76 0.91
C TYR A 498 40.41 -7.44 0.59
N GLY A 499 40.38 -7.10 -0.69
CA GLY A 499 39.75 -5.88 -1.15
C GLY A 499 38.24 -5.98 -1.11
N VAL A 500 37.59 -4.91 -1.60
CA VAL A 500 36.14 -4.87 -1.63
C VAL A 500 35.58 -5.85 -2.66
N GLY A 501 36.36 -6.20 -3.67
CA GLY A 501 35.94 -7.13 -4.70
C GLY A 501 35.96 -8.59 -4.32
N HIS A 502 36.23 -8.90 -3.06
CA HIS A 502 36.25 -10.28 -2.58
C HIS A 502 35.57 -10.38 -1.22
N GLN A 503 34.44 -9.70 -1.06
CA GLN A 503 33.70 -9.69 0.19
C GLN A 503 32.39 -10.45 0.04
N PRO A 504 32.06 -11.34 0.98
CA PRO A 504 30.82 -12.12 0.86
C PRO A 504 29.57 -11.28 1.09
N TYR A 505 28.84 -10.98 0.02
CA TYR A 505 27.60 -10.22 0.09
C TYR A 505 26.44 -11.20 0.29
N ARG A 506 25.90 -11.23 1.50
CA ARG A 506 24.75 -12.09 1.82
C ARG A 506 23.50 -11.42 1.27
N VAL A 507 23.29 -11.56 -0.03
CA VAL A 507 22.22 -10.89 -0.75
C VAL A 507 20.95 -11.73 -0.68
N VAL A 508 19.81 -11.04 -0.67
CA VAL A 508 18.49 -11.67 -0.64
C VAL A 508 17.57 -10.89 -1.55
N VAL A 509 16.89 -11.58 -2.46
CA VAL A 509 16.01 -10.96 -3.43
C VAL A 509 14.57 -11.24 -2.98
N LEU A 510 13.99 -10.30 -2.25
CA LEU A 510 12.61 -10.41 -1.79
C LEU A 510 11.69 -10.16 -2.99
N SER A 511 11.04 -11.20 -3.47
CA SER A 511 10.17 -11.10 -4.64
C SER A 511 8.75 -10.80 -4.19
N PHE A 512 8.23 -9.65 -4.64
CA PHE A 512 6.88 -9.21 -4.33
C PHE A 512 6.04 -9.29 -5.61
N GLU A 513 5.08 -10.21 -5.64
CA GLU A 513 4.21 -10.36 -6.79
C GLU A 513 2.75 -10.29 -6.35
N LEU A 514 1.88 -9.96 -7.30
CA LEU A 514 0.46 -9.80 -7.05
C LEU A 514 -0.30 -10.85 -7.85
N LEU A 515 -1.26 -11.50 -7.21
CA LEU A 515 -2.07 -12.54 -7.82
C LEU A 515 -3.54 -12.20 -7.67
N HIS A 516 -4.41 -13.12 -8.13
CA HIS A 516 -5.84 -12.95 -8.05
C HIS A 516 -6.41 -13.46 -6.72
N ALA A 517 -5.56 -13.91 -5.82
CA ALA A 517 -5.97 -14.41 -4.52
C ALA A 517 -6.14 -13.26 -3.53
N PRO A 518 -6.92 -13.45 -2.47
CA PRO A 518 -7.05 -12.40 -1.45
C PRO A 518 -5.72 -12.09 -0.81
N ALA A 519 -5.55 -10.84 -0.39
CA ALA A 519 -4.32 -10.40 0.22
C ALA A 519 -4.06 -11.15 1.52
N THR A 520 -2.80 -11.49 1.76
CA THR A 520 -2.40 -12.23 2.95
C THR A 520 -1.52 -11.45 3.90
N VAL A 521 -0.65 -10.57 3.40
CA VAL A 521 0.26 -9.80 4.24
C VAL A 521 0.28 -8.37 3.72
N CYS A 522 -0.28 -7.45 4.49
CA CYS A 522 -0.36 -6.03 4.14
C CYS A 522 0.55 -5.20 5.05
N GLY A 523 0.46 -3.89 4.90
CA GLY A 523 1.29 -2.97 5.65
C GLY A 523 0.91 -2.91 7.12
N PRO A 524 1.70 -2.18 7.90
CA PRO A 524 1.47 -2.11 9.36
C PRO A 524 0.50 -1.04 9.81
N LYS A 525 -0.30 -0.47 8.91
CA LYS A 525 -1.23 0.58 9.30
C LYS A 525 -2.37 0.01 10.13
N LYS A 526 -3.25 0.89 10.60
CA LYS A 526 -4.39 0.50 11.41
C LYS A 526 -5.58 0.18 10.52
N SER A 527 -6.75 0.00 11.13
CA SER A 527 -7.97 -0.31 10.40
C SER A 527 -9.10 0.54 10.93
N THR A 528 -9.83 1.20 10.03
CA THR A 528 -10.94 2.05 10.41
C THR A 528 -12.25 1.27 10.38
N ASN A 529 -13.35 1.93 10.71
CA ASN A 529 -14.66 1.31 10.71
C ASN A 529 -15.36 1.54 9.38
N LEU A 530 -16.14 0.55 8.97
CA LEU A 530 -16.87 0.64 7.70
C LEU A 530 -18.13 1.47 7.86
N VAL A 531 -18.36 2.36 6.90
CA VAL A 531 -19.53 3.24 6.89
C VAL A 531 -20.37 2.89 5.66
N LYS A 532 -21.67 2.73 5.88
CA LYS A 532 -22.60 2.37 4.81
C LYS A 532 -23.45 3.56 4.43
N ASN A 533 -23.71 3.69 3.12
CA ASN A 533 -24.54 4.76 2.57
C ASN A 533 -23.99 6.14 2.94
N LYS A 534 -22.78 6.41 2.47
CA LYS A 534 -22.12 7.68 2.75
C LYS A 534 -21.05 7.93 1.69
N CYS A 535 -20.94 9.18 1.26
CA CYS A 535 -19.94 9.58 0.26
C CYS A 535 -18.60 9.76 0.97
N VAL A 536 -17.73 8.76 0.87
CA VAL A 536 -16.45 8.76 1.54
C VAL A 536 -15.38 8.24 0.58
N ASN A 537 -14.14 8.26 1.03
CA ASN A 537 -12.99 7.73 0.30
C ASN A 537 -12.61 6.38 0.88
N PHE A 538 -12.13 5.48 0.02
CA PHE A 538 -11.70 4.16 0.43
C PHE A 538 -10.46 3.76 -0.34
N ASN A 539 -9.46 3.25 0.38
CA ASN A 539 -8.21 2.75 -0.21
C ASN A 539 -7.98 1.36 0.39
N PHE A 540 -8.57 0.35 -0.25
CA PHE A 540 -8.52 -1.00 0.30
C PHE A 540 -7.20 -1.70 -0.03
N ASN A 541 -6.90 -1.86 -1.32
CA ASN A 541 -5.69 -2.55 -1.78
C ASN A 541 -4.98 -1.70 -2.82
N GLY A 542 -4.81 -0.42 -2.52
CA GLY A 542 -4.15 0.50 -3.43
C GLY A 542 -5.07 1.17 -4.43
N LEU A 543 -6.33 0.75 -4.52
CA LEU A 543 -7.29 1.34 -5.44
C LEU A 543 -8.07 2.42 -4.70
N LYS A 544 -7.59 3.65 -4.78
CA LYS A 544 -8.26 4.77 -4.12
C LYS A 544 -9.53 5.13 -4.87
N GLY A 545 -10.64 5.20 -4.15
CA GLY A 545 -11.92 5.52 -4.76
C GLY A 545 -12.81 6.38 -3.88
N THR A 546 -13.40 7.42 -4.47
CA THR A 546 -14.29 8.33 -3.77
C THR A 546 -15.72 8.05 -4.24
N GLY A 547 -16.57 7.60 -3.33
CA GLY A 547 -17.93 7.28 -3.70
C GLY A 547 -18.72 6.78 -2.51
N VAL A 548 -19.82 6.11 -2.79
CA VAL A 548 -20.69 5.54 -1.77
C VAL A 548 -20.63 4.02 -1.87
N LEU A 549 -20.46 3.36 -0.74
CA LEU A 549 -20.43 1.90 -0.68
C LEU A 549 -21.80 1.38 -0.28
N THR A 550 -22.30 0.41 -1.04
CA THR A 550 -23.61 -0.18 -0.81
C THR A 550 -23.45 -1.68 -0.60
N GLU A 551 -24.16 -2.20 0.40
CA GLU A 551 -24.15 -3.64 0.70
C GLU A 551 -25.19 -4.30 -0.20
N SER A 552 -24.76 -4.68 -1.40
CA SER A 552 -25.63 -5.29 -2.40
C SER A 552 -25.43 -6.80 -2.40
N ASN A 553 -26.20 -7.47 -3.26
CA ASN A 553 -26.17 -8.92 -3.39
C ASN A 553 -25.61 -9.36 -4.75
N LYS A 554 -24.71 -8.56 -5.33
CA LYS A 554 -24.11 -8.88 -6.62
C LYS A 554 -22.99 -9.89 -6.41
N LYS A 555 -23.38 -11.14 -6.26
CA LYS A 555 -22.42 -12.22 -6.07
C LYS A 555 -21.58 -12.41 -7.33
N PHE A 556 -20.57 -13.28 -7.22
CA PHE A 556 -19.65 -13.58 -8.32
C PHE A 556 -18.96 -12.31 -8.80
N LEU A 557 -18.11 -11.78 -7.91
CA LEU A 557 -17.35 -10.54 -8.07
C LEU A 557 -16.78 -10.40 -9.48
N PRO A 558 -17.06 -9.28 -10.16
CA PRO A 558 -16.57 -9.12 -11.54
C PRO A 558 -15.06 -9.01 -11.60
N PHE A 559 -14.52 -9.42 -12.73
CA PHE A 559 -13.08 -9.36 -13.02
C PHE A 559 -12.86 -8.82 -14.42
N GLN A 560 -13.53 -7.72 -14.75
CA GLN A 560 -13.54 -7.17 -16.10
C GLN A 560 -12.13 -6.79 -16.58
N GLN A 561 -11.63 -7.52 -17.57
CA GLN A 561 -10.33 -7.22 -18.15
C GLN A 561 -10.33 -7.41 -19.67
N PHE A 562 -11.50 -7.40 -20.31
CA PHE A 562 -11.57 -7.63 -21.75
C PHE A 562 -10.88 -6.52 -22.52
N GLY A 563 -11.20 -5.27 -22.21
CA GLY A 563 -10.60 -4.15 -22.90
C GLY A 563 -9.28 -3.72 -22.30
N ARG A 564 -8.67 -4.59 -21.50
CA ARG A 564 -7.39 -4.38 -20.84
C ARG A 564 -7.41 -3.19 -19.89
N ASP A 565 -8.59 -2.69 -19.53
CA ASP A 565 -8.75 -1.58 -18.60
C ASP A 565 -7.96 -0.35 -19.07
N ILE A 566 -8.17 0.02 -20.34
CA ILE A 566 -7.50 1.21 -20.89
C ILE A 566 -8.15 2.48 -20.33
N ALA A 567 -9.44 2.66 -20.58
CA ALA A 567 -10.20 3.79 -20.06
C ALA A 567 -11.48 3.23 -19.44
N ASP A 568 -11.41 2.82 -18.18
CA ASP A 568 -12.54 2.23 -17.48
C ASP A 568 -12.25 2.22 -15.99
N THR A 569 -13.31 2.38 -15.20
CA THR A 569 -13.22 2.37 -13.75
C THR A 569 -13.90 1.14 -13.19
N THR A 570 -13.82 0.97 -11.88
CA THR A 570 -14.42 -0.17 -11.20
C THR A 570 -15.83 0.17 -10.73
N ASP A 571 -16.59 -0.87 -10.42
CA ASP A 571 -17.97 -0.73 -9.95
C ASP A 571 -18.24 -1.37 -8.60
N ALA A 572 -17.53 -2.44 -8.26
CA ALA A 572 -17.72 -3.11 -6.98
C ALA A 572 -16.40 -3.73 -6.54
N VAL A 573 -16.26 -3.91 -5.23
CA VAL A 573 -15.04 -4.45 -4.63
C VAL A 573 -15.42 -5.47 -3.57
N ARG A 574 -14.41 -6.20 -3.10
CA ARG A 574 -14.55 -7.18 -2.03
C ARG A 574 -13.90 -6.64 -0.77
N ASP A 575 -14.57 -6.82 0.35
CA ASP A 575 -14.05 -6.34 1.63
C ASP A 575 -12.80 -7.13 2.00
N PRO A 576 -11.65 -6.47 2.22
CA PRO A 576 -10.44 -7.21 2.58
C PRO A 576 -10.42 -7.71 4.01
N GLN A 577 -11.43 -7.36 4.83
CA GLN A 577 -11.48 -7.82 6.21
C GLN A 577 -12.27 -9.11 6.34
N THR A 578 -13.50 -9.13 5.83
CA THR A 578 -14.35 -10.31 5.84
C THR A 578 -14.96 -10.50 4.47
N LEU A 579 -15.56 -11.68 4.26
CA LEU A 579 -16.19 -11.99 2.98
C LEU A 579 -17.41 -11.10 2.81
N GLU A 580 -17.29 -10.09 1.95
CA GLU A 580 -18.37 -9.16 1.71
C GLU A 580 -18.17 -8.49 0.36
N ILE A 581 -19.26 -7.94 -0.17
CA ILE A 581 -19.28 -7.28 -1.46
C ILE A 581 -19.77 -5.85 -1.25
N LEU A 582 -19.03 -4.88 -1.80
CA LEU A 582 -19.36 -3.46 -1.67
C LEU A 582 -19.50 -2.87 -3.05
N ASP A 583 -20.72 -2.46 -3.41
CA ASP A 583 -20.96 -1.78 -4.68
C ASP A 583 -20.53 -0.33 -4.55
N ILE A 584 -19.78 0.15 -5.54
CA ILE A 584 -19.26 1.52 -5.55
C ILE A 584 -20.15 2.35 -6.46
N THR A 585 -20.80 3.37 -5.91
CA THR A 585 -21.62 4.24 -6.73
C THR A 585 -21.14 5.68 -6.62
N PRO A 586 -21.17 6.44 -7.72
CA PRO A 586 -20.77 7.84 -7.66
C PRO A 586 -21.77 8.65 -6.83
N CYS A 587 -21.25 9.59 -6.04
CA CYS A 587 -22.10 10.38 -5.16
C CYS A 587 -23.02 11.29 -5.95
N SER A 588 -22.46 12.09 -6.86
CA SER A 588 -23.26 12.98 -7.70
C SER A 588 -22.48 13.25 -8.97
N PHE A 589 -22.94 12.69 -10.09
CA PHE A 589 -22.26 12.86 -11.37
C PHE A 589 -23.32 12.83 -12.46
N GLY A 590 -22.88 12.65 -13.70
CA GLY A 590 -23.77 12.66 -14.85
C GLY A 590 -23.28 13.59 -15.94
N GLY A 591 -22.04 14.04 -15.82
CA GLY A 591 -21.47 14.96 -16.78
C GLY A 591 -22.03 16.36 -16.64
N VAL A 592 -21.97 16.91 -15.43
CA VAL A 592 -22.51 18.23 -15.14
C VAL A 592 -21.50 19.25 -15.67
N SER A 593 -21.81 19.85 -16.83
CA SER A 593 -20.97 20.86 -17.45
C SER A 593 -21.59 22.23 -17.25
N VAL A 594 -20.84 23.14 -16.62
CA VAL A 594 -21.30 24.50 -16.38
C VAL A 594 -20.76 25.39 -17.49
N ILE A 595 -21.64 26.23 -18.02
CA ILE A 595 -21.29 27.17 -19.08
C ILE A 595 -21.07 28.53 -18.43
N THR A 596 -19.82 28.97 -18.37
CA THR A 596 -19.47 30.22 -17.74
C THR A 596 -19.09 31.24 -18.80
N PRO A 597 -19.85 32.33 -18.95
CA PRO A 597 -19.47 33.36 -19.93
C PRO A 597 -18.31 34.22 -19.48
N GLY A 598 -17.96 34.21 -18.19
CA GLY A 598 -16.88 35.02 -17.68
C GLY A 598 -17.29 35.92 -16.54
N THR A 599 -16.48 35.97 -15.48
CA THR A 599 -16.79 36.82 -14.34
C THR A 599 -16.65 38.30 -14.67
N ASN A 600 -15.98 38.65 -15.76
CA ASN A 600 -15.83 40.05 -16.13
C ASN A 600 -17.17 40.67 -16.53
N THR A 601 -18.04 39.90 -17.17
CA THR A 601 -19.34 40.42 -17.58
C THR A 601 -20.34 40.40 -16.43
N SER A 602 -20.62 39.22 -15.90
CA SER A 602 -21.58 39.08 -14.81
C SER A 602 -21.16 37.89 -13.94
N ASN A 603 -22.07 37.45 -13.09
CA ASN A 603 -21.84 36.32 -12.18
C ASN A 603 -23.03 35.37 -12.22
N GLN A 604 -23.50 35.06 -13.43
CA GLN A 604 -24.62 34.16 -13.63
C GLN A 604 -24.23 33.11 -14.65
N VAL A 605 -24.31 31.84 -14.26
CA VAL A 605 -23.93 30.72 -15.12
C VAL A 605 -25.11 29.75 -15.20
N ALA A 606 -24.99 28.79 -16.11
CA ALA A 606 -26.00 27.77 -16.32
C ALA A 606 -25.34 26.39 -16.35
N VAL A 607 -26.17 25.37 -16.15
CA VAL A 607 -25.69 23.99 -16.11
C VAL A 607 -26.26 23.23 -17.31
N LEU A 608 -25.60 22.12 -17.64
CA LEU A 608 -26.05 21.25 -18.72
C LEU A 608 -25.60 19.83 -18.40
N TYR A 609 -26.46 18.88 -18.74
CA TYR A 609 -26.19 17.46 -18.52
C TYR A 609 -26.18 16.74 -19.85
N GLN A 610 -25.24 15.81 -20.01
CA GLN A 610 -25.04 15.13 -21.28
C GLN A 610 -26.04 14.00 -21.48
N GLY A 611 -27.34 14.31 -21.36
CA GLY A 611 -28.38 13.33 -21.58
C GLY A 611 -28.30 12.12 -20.66
N VAL A 612 -28.49 12.33 -19.37
CA VAL A 612 -28.42 11.24 -18.40
C VAL A 612 -29.83 10.87 -17.95
N ASN A 613 -30.52 11.84 -17.33
CA ASN A 613 -31.88 11.59 -16.86
C ASN A 613 -32.87 12.71 -17.17
N CYS A 614 -32.40 13.95 -17.41
CA CYS A 614 -33.24 15.12 -17.61
C CYS A 614 -34.14 15.42 -16.42
N THR A 615 -33.92 14.76 -15.28
CA THR A 615 -34.69 15.01 -14.06
C THR A 615 -33.75 14.76 -12.89
N GLU A 616 -33.15 15.84 -12.37
CA GLU A 616 -32.18 15.72 -11.29
C GLU A 616 -32.88 15.36 -9.99
N VAL A 617 -32.49 14.22 -9.41
CA VAL A 617 -33.07 13.76 -8.15
C VAL A 617 -32.19 14.18 -6.98
N ASN A 638 -37.87 26.81 -16.72
CA ASN A 638 -37.02 27.35 -17.76
C ASN A 638 -36.18 26.25 -18.40
N VAL A 639 -36.68 25.02 -18.35
CA VAL A 639 -36.00 23.86 -18.92
C VAL A 639 -36.57 23.58 -20.29
N PHE A 640 -35.69 23.32 -21.25
CA PHE A 640 -36.09 23.01 -22.62
C PHE A 640 -35.57 21.62 -22.99
N GLN A 641 -36.31 20.95 -23.87
CA GLN A 641 -36.01 19.57 -24.25
C GLN A 641 -35.34 19.56 -25.62
N THR A 642 -34.11 19.06 -25.67
CA THR A 642 -33.36 18.87 -26.91
C THR A 642 -32.73 17.49 -26.88
N ARG A 643 -32.06 17.13 -27.96
CA ARG A 643 -31.35 15.85 -28.03
C ARG A 643 -29.91 16.00 -27.57
N ALA A 644 -29.73 16.66 -26.42
CA ALA A 644 -28.44 16.78 -25.77
C ALA A 644 -28.52 16.71 -24.25
N GLY A 645 -29.71 16.48 -23.69
CA GLY A 645 -29.90 16.55 -22.26
C GLY A 645 -30.87 17.66 -21.88
N CYS A 646 -30.81 18.12 -20.64
CA CYS A 646 -31.65 19.21 -20.16
C CYS A 646 -30.80 20.24 -19.46
N LEU A 647 -31.10 21.52 -19.70
CA LEU A 647 -30.37 22.63 -19.12
C LEU A 647 -31.31 23.51 -18.32
N ILE A 648 -30.77 24.14 -17.27
CA ILE A 648 -31.53 25.01 -16.39
C ILE A 648 -30.80 26.34 -16.28
N GLY A 649 -31.52 27.43 -16.55
CA GLY A 649 -30.95 28.75 -16.40
C GLY A 649 -30.95 29.58 -17.68
N ALA A 650 -31.86 29.25 -18.60
CA ALA A 650 -31.97 29.97 -19.86
C ALA A 650 -33.36 29.77 -20.41
N GLU A 651 -33.60 30.31 -21.61
CA GLU A 651 -34.87 30.18 -22.29
C GLU A 651 -34.62 30.00 -23.78
N TYR A 652 -35.45 29.20 -24.43
CA TYR A 652 -35.28 28.90 -25.84
C TYR A 652 -35.82 30.04 -26.69
N VAL A 653 -35.03 30.46 -27.69
CA VAL A 653 -35.42 31.52 -28.62
C VAL A 653 -35.62 30.88 -30.00
N ASN A 654 -36.78 31.13 -30.61
CA ASN A 654 -37.06 30.57 -31.92
C ASN A 654 -36.20 31.19 -33.01
N ASN A 655 -35.60 32.35 -32.76
CA ASN A 655 -34.76 33.01 -33.75
C ASN A 655 -33.39 32.35 -33.81
N SER A 656 -32.62 32.72 -34.83
CA SER A 656 -31.27 32.19 -35.04
C SER A 656 -30.29 33.34 -35.18
N TYR A 657 -29.11 33.17 -34.61
CA TYR A 657 -28.07 34.19 -34.64
C TYR A 657 -26.73 33.50 -34.86
N GLU A 658 -25.65 34.26 -34.68
CA GLU A 658 -24.31 33.73 -34.87
C GLU A 658 -23.90 32.90 -33.65
N CYS A 659 -23.27 31.75 -33.92
CA CYS A 659 -22.84 30.85 -32.86
C CYS A 659 -21.70 31.48 -32.06
N ASP A 660 -21.89 31.64 -30.76
CA ASP A 660 -20.87 32.21 -29.89
C ASP A 660 -20.37 31.21 -28.86
N ILE A 661 -21.26 30.61 -28.08
CA ILE A 661 -20.90 29.62 -27.07
C ILE A 661 -21.62 28.33 -27.40
N PRO A 662 -20.92 27.32 -27.92
CA PRO A 662 -21.59 26.06 -28.26
C PRO A 662 -22.05 25.29 -27.03
N ILE A 663 -23.37 25.19 -26.84
CA ILE A 663 -23.91 24.44 -25.72
C ILE A 663 -23.82 22.94 -25.97
N GLY A 664 -24.35 22.49 -27.10
CA GLY A 664 -24.33 21.09 -27.45
C GLY A 664 -25.23 20.75 -28.61
N ALA A 665 -24.85 19.74 -29.39
CA ALA A 665 -25.63 19.29 -30.56
C ALA A 665 -25.87 20.43 -31.54
N GLY A 666 -24.86 21.27 -31.73
CA GLY A 666 -24.91 22.36 -32.67
C GLY A 666 -25.52 23.65 -32.13
N ILE A 667 -26.38 23.55 -31.12
CA ILE A 667 -27.02 24.73 -30.56
C ILE A 667 -25.98 25.59 -29.86
N CYS A 668 -26.12 26.91 -30.00
CA CYS A 668 -25.19 27.86 -29.37
C CYS A 668 -25.98 28.91 -28.61
N ALA A 669 -25.25 29.64 -27.76
CA ALA A 669 -25.81 30.68 -26.92
C ALA A 669 -24.94 31.94 -27.01
N SER A 670 -25.50 33.05 -26.56
CA SER A 670 -24.81 34.33 -26.54
C SER A 670 -25.19 35.06 -25.27
N TYR A 671 -24.83 36.34 -25.19
CA TYR A 671 -25.13 37.18 -24.02
C TYR A 671 -25.59 38.55 -24.54
N GLN A 672 -26.91 38.69 -24.69
CA GLN A 672 -27.51 39.92 -25.17
C GLN A 672 -28.55 40.40 -24.17
N THR A 673 -29.03 41.62 -24.38
CA THR A 673 -30.05 42.21 -23.51
C THR A 673 -31.42 41.57 -23.76
N SER A 686 -33.23 41.88 -20.45
CA SER A 686 -32.08 42.04 -19.57
C SER A 686 -30.87 41.27 -20.09
N GLN A 687 -29.69 41.64 -19.61
CA GLN A 687 -28.46 40.97 -20.02
C GLN A 687 -28.41 39.57 -19.43
N SER A 688 -28.58 38.56 -20.28
CA SER A 688 -28.55 37.18 -19.85
C SER A 688 -28.25 36.30 -21.07
N ILE A 689 -28.23 35.00 -20.85
CA ILE A 689 -27.96 34.03 -21.91
C ILE A 689 -29.29 33.50 -22.44
N ILE A 690 -29.29 33.10 -23.71
CA ILE A 690 -30.46 32.59 -24.39
C ILE A 690 -30.12 31.25 -25.02
N ALA A 691 -31.09 30.67 -25.72
CA ALA A 691 -30.95 29.37 -26.36
C ALA A 691 -31.48 29.41 -27.79
N TYR A 692 -31.04 30.41 -28.54
CA TYR A 692 -31.48 30.57 -29.93
C TYR A 692 -31.03 29.37 -30.77
N THR A 693 -31.74 29.17 -31.88
CA THR A 693 -31.46 28.04 -32.75
C THR A 693 -30.19 28.29 -33.56
N MET A 694 -29.46 27.22 -33.84
CA MET A 694 -28.23 27.32 -34.61
C MET A 694 -28.55 27.76 -36.04
N SER A 695 -27.79 28.76 -36.53
CA SER A 695 -27.98 29.29 -37.88
C SER A 695 -27.34 28.32 -38.87
N LEU A 696 -28.09 27.26 -39.19
CA LEU A 696 -27.62 26.24 -40.12
C LEU A 696 -28.01 26.59 -41.55
N GLU B 1 11.16 -38.18 10.13
CA GLU B 1 11.95 -38.31 11.34
C GLU B 1 13.35 -38.84 11.02
N VAL B 2 14.23 -37.94 10.60
CA VAL B 2 15.60 -38.32 10.26
C VAL B 2 16.39 -38.53 11.55
N GLN B 3 16.94 -39.73 11.72
CA GLN B 3 17.70 -40.10 12.90
C GLN B 3 18.99 -40.82 12.50
N LEU B 4 19.72 -40.20 11.57
CA LEU B 4 20.97 -40.78 11.10
C LEU B 4 21.97 -40.92 12.26
N VAL B 5 22.79 -41.96 12.18
CA VAL B 5 23.73 -42.29 13.24
C VAL B 5 25.15 -42.03 12.75
N GLU B 6 26.02 -41.66 13.69
CA GLU B 6 27.43 -41.43 13.39
C GLU B 6 28.27 -42.15 14.43
N SER B 7 29.22 -42.96 13.96
CA SER B 7 30.10 -43.73 14.83
C SER B 7 31.54 -43.59 14.34
N GLY B 8 32.47 -43.88 15.25
CA GLY B 8 33.88 -43.77 14.93
C GLY B 8 34.54 -42.58 15.58
N GLY B 9 35.50 -42.83 16.46
CA GLY B 9 36.20 -41.75 17.13
C GLY B 9 37.06 -42.27 18.27
N GLY B 10 37.43 -41.37 19.16
CA GLY B 10 38.26 -41.71 20.30
C GLY B 10 39.70 -41.27 20.12
N LEU B 11 40.57 -41.89 20.90
CA LEU B 11 42.00 -41.59 20.83
C LEU B 11 42.58 -42.08 19.51
N VAL B 12 43.41 -41.25 18.89
CA VAL B 12 44.04 -41.57 17.61
C VAL B 12 45.45 -41.00 17.62
N GLN B 13 46.34 -41.70 16.91
CA GLN B 13 47.74 -41.31 16.79
C GLN B 13 47.94 -40.50 15.51
N PRO B 14 48.71 -39.41 15.58
CA PRO B 14 48.96 -38.59 14.38
C PRO B 14 49.62 -39.41 13.28
N GLY B 15 48.90 -39.59 12.18
CA GLY B 15 49.39 -40.38 11.06
C GLY B 15 48.65 -41.69 10.92
N GLY B 16 47.73 -41.76 9.98
CA GLY B 16 46.94 -42.98 9.77
C GLY B 16 45.72 -42.68 8.92
N SER B 17 44.68 -43.46 9.15
CA SER B 17 43.42 -43.34 8.42
C SER B 17 42.27 -43.39 9.41
N LEU B 18 41.58 -42.27 9.59
CA LEU B 18 40.44 -42.21 10.51
C LEU B 18 39.21 -42.76 9.82
N ARG B 19 38.70 -43.87 10.33
CA ARG B 19 37.54 -44.56 9.76
C ARG B 19 36.29 -44.15 10.50
N LEU B 20 35.48 -43.31 9.87
CA LEU B 20 34.19 -42.88 10.42
C LEU B 20 33.08 -43.77 9.84
N SER B 21 31.85 -43.52 10.30
CA SER B 21 30.71 -44.28 9.83
C SER B 21 29.46 -43.42 9.99
N CYS B 22 28.98 -42.86 8.88
CA CYS B 22 27.75 -42.06 8.87
C CYS B 22 26.67 -42.88 8.19
N ALA B 23 25.78 -43.46 8.99
CA ALA B 23 24.71 -44.32 8.48
C ALA B 23 23.40 -43.55 8.49
N ALA B 24 22.60 -43.74 7.43
CA ALA B 24 21.31 -43.08 7.32
C ALA B 24 20.30 -43.75 8.24
N SER B 25 19.11 -43.18 8.32
CA SER B 25 18.04 -43.70 9.17
C SER B 25 17.16 -44.69 8.40
N ASP B 26 17.82 -45.70 7.80
CA ASP B 26 17.18 -46.74 7.00
C ASP B 26 16.04 -46.19 6.12
N SER B 27 16.35 -45.11 5.42
CA SER B 27 15.37 -44.44 4.57
C SER B 27 16.09 -43.99 3.29
N SER B 28 15.40 -43.17 2.50
CA SER B 28 15.90 -42.69 1.20
C SER B 28 16.45 -41.27 1.29
N PHE B 29 17.08 -40.92 2.40
CA PHE B 29 17.66 -39.58 2.55
C PHE B 29 18.90 -39.36 1.72
N TYR B 30 19.31 -40.34 0.90
CA TYR B 30 20.49 -40.22 0.05
C TYR B 30 20.15 -39.74 -1.35
N ASP B 31 18.92 -39.28 -1.59
CA ASP B 31 18.54 -38.81 -2.90
C ASP B 31 19.18 -37.47 -3.26
N TYR B 32 19.67 -36.74 -2.26
CA TYR B 32 20.35 -35.46 -2.48
C TYR B 32 21.78 -35.53 -1.96
N GLU B 33 22.45 -34.39 -1.95
CA GLU B 33 23.86 -34.29 -1.60
C GLU B 33 24.01 -34.16 -0.09
N MET B 34 24.78 -35.08 0.51
CA MET B 34 25.12 -35.00 1.92
C MET B 34 26.46 -34.30 2.09
N SER B 35 26.80 -33.97 3.34
CA SER B 35 28.03 -33.25 3.60
C SER B 35 28.66 -33.72 4.91
N TRP B 36 29.99 -33.58 4.99
CA TRP B 36 30.75 -33.81 6.20
C TRP B 36 31.48 -32.53 6.55
N VAL B 37 31.19 -31.98 7.72
CA VAL B 37 31.70 -30.68 8.15
C VAL B 37 32.36 -30.84 9.52
N ARG B 38 33.51 -30.20 9.67
CA ARG B 38 34.26 -30.23 10.91
C ARG B 38 34.05 -28.94 11.69
N GLN B 39 33.82 -29.06 12.99
CA GLN B 39 33.59 -27.92 13.87
C GLN B 39 34.65 -27.92 14.96
N VAL B 40 35.34 -26.80 15.12
CA VAL B 40 36.34 -26.63 16.17
C VAL B 40 35.68 -25.93 17.36
N PRO B 41 36.13 -26.20 18.58
CA PRO B 41 35.50 -25.56 19.75
C PRO B 41 35.69 -24.05 19.74
N GLY B 42 34.62 -23.33 20.05
CA GLY B 42 34.68 -21.89 20.14
C GLY B 42 34.81 -21.17 18.82
N LYS B 43 34.30 -21.74 17.74
CA LYS B 43 34.39 -21.12 16.42
C LYS B 43 33.37 -21.79 15.50
N THR B 44 33.06 -21.10 14.41
CA THR B 44 32.11 -21.62 13.44
C THR B 44 32.67 -22.86 12.75
N PRO B 45 31.81 -23.79 12.36
CA PRO B 45 32.29 -25.02 11.72
C PRO B 45 32.97 -24.74 10.38
N GLU B 46 33.74 -25.74 9.93
CA GLU B 46 34.46 -25.65 8.67
C GLU B 46 34.09 -26.85 7.81
N TRP B 47 33.57 -26.59 6.61
CA TRP B 47 33.16 -27.66 5.73
C TRP B 47 34.38 -28.45 5.24
N ILE B 48 34.21 -29.77 5.14
CA ILE B 48 35.28 -30.67 4.72
C ILE B 48 34.97 -31.31 3.38
N GLY B 49 33.88 -32.07 3.29
CA GLY B 49 33.56 -32.80 2.07
C GLY B 49 32.08 -32.75 1.76
N SER B 50 31.76 -33.02 0.50
CA SER B 50 30.38 -33.03 0.03
C SER B 50 30.20 -34.18 -0.94
N MET B 51 29.25 -35.07 -0.65
CA MET B 51 28.95 -36.21 -1.49
C MET B 51 27.66 -35.93 -2.25
N TYR B 52 27.77 -35.87 -3.58
CA TYR B 52 26.61 -35.62 -4.43
C TYR B 52 25.88 -36.94 -4.71
N PRO B 53 24.57 -36.87 -4.99
CA PRO B 53 23.82 -38.11 -5.24
C PRO B 53 24.22 -38.83 -6.53
N SER B 54 24.90 -38.16 -7.46
CA SER B 54 25.30 -38.79 -8.71
C SER B 54 26.70 -39.38 -8.63
N GLY B 55 26.93 -40.18 -7.59
CA GLY B 55 28.20 -40.91 -7.46
C GLY B 55 29.43 -40.04 -7.55
N ARG B 56 29.39 -38.85 -6.96
CA ARG B 56 30.51 -37.91 -7.02
C ARG B 56 30.81 -37.37 -5.64
N THR B 57 32.05 -36.92 -5.45
CA THR B 57 32.47 -36.33 -4.19
C THR B 57 33.33 -35.10 -4.49
N TYR B 58 33.38 -34.19 -3.51
CA TYR B 58 34.15 -32.97 -3.65
C TYR B 58 34.67 -32.54 -2.29
N ILE B 59 35.99 -32.37 -2.19
CA ILE B 59 36.64 -31.93 -0.97
C ILE B 59 37.19 -30.53 -1.20
N ASN B 60 37.56 -29.87 -0.10
CA ASN B 60 38.10 -28.52 -0.19
C ASN B 60 39.53 -28.55 -0.74
N PRO B 61 39.90 -27.54 -1.53
CA PRO B 61 41.28 -27.48 -2.05
C PRO B 61 42.33 -27.41 -0.97
N SER B 62 42.00 -26.91 0.21
CA SER B 62 42.96 -26.87 1.32
C SER B 62 43.34 -28.27 1.75
N LEU B 63 42.35 -29.08 2.15
CA LEU B 63 42.59 -30.48 2.51
C LEU B 63 42.36 -31.35 1.28
N LYS B 64 43.33 -31.30 0.37
CA LYS B 64 43.25 -31.98 -0.91
C LYS B 64 44.22 -33.16 -0.92
N SER B 65 43.82 -34.23 -1.61
CA SER B 65 44.61 -35.45 -1.76
C SER B 65 44.99 -36.06 -0.41
N LEU B 66 44.12 -35.91 0.59
CA LEU B 66 44.37 -36.50 1.90
C LEU B 66 43.12 -37.10 2.51
N VAL B 67 42.02 -37.20 1.77
CA VAL B 67 40.77 -37.77 2.29
C VAL B 67 39.96 -38.32 1.13
N THR B 68 39.43 -39.54 1.28
CA THR B 68 38.63 -40.18 0.26
C THR B 68 37.35 -40.72 0.89
N ILE B 69 36.29 -40.73 0.09
CA ILE B 69 34.99 -41.23 0.53
C ILE B 69 34.25 -41.79 -0.68
N SER B 70 33.66 -42.97 -0.53
CA SER B 70 32.91 -43.60 -1.62
C SER B 70 31.94 -44.61 -1.03
N ARG B 71 30.86 -44.87 -1.77
CA ARG B 71 29.83 -45.79 -1.32
C ARG B 71 30.07 -47.20 -1.87
N ASP B 72 30.05 -47.34 -3.20
CA ASP B 72 30.41 -48.56 -3.92
C ASP B 72 29.58 -49.78 -3.54
N ASN B 73 28.53 -49.61 -2.73
CA ASN B 73 27.68 -50.74 -2.36
C ASN B 73 26.20 -50.39 -2.28
N SER B 74 25.82 -49.16 -2.63
CA SER B 74 24.42 -48.70 -2.57
C SER B 74 23.84 -48.84 -1.16
N GLU B 75 24.68 -48.66 -0.15
CA GLU B 75 24.22 -48.71 1.24
C GLU B 75 24.68 -47.46 1.99
N ASN B 76 24.47 -47.45 3.31
CA ASN B 76 24.85 -46.30 4.15
C ASN B 76 26.34 -46.41 4.47
N MET B 77 27.16 -45.92 3.53
CA MET B 77 28.61 -45.96 3.66
C MET B 77 29.17 -44.57 3.38
N LEU B 78 29.59 -43.87 4.44
CA LEU B 78 30.19 -42.55 4.36
C LEU B 78 31.44 -42.50 5.23
N TYR B 79 32.31 -43.49 5.04
CA TYR B 79 33.49 -43.65 5.89
C TYR B 79 34.33 -42.37 5.96
N LEU B 80 34.58 -41.75 4.81
CA LEU B 80 35.39 -40.54 4.73
C LEU B 80 36.78 -40.78 5.32
N GLN B 81 37.52 -41.69 4.68
CA GLN B 81 38.85 -42.09 5.14
C GLN B 81 39.82 -40.93 4.96
N MET B 82 40.20 -40.29 6.06
CA MET B 82 41.15 -39.18 6.04
C MET B 82 42.57 -39.75 6.14
N ASN B 83 43.35 -39.56 5.08
CA ASN B 83 44.73 -40.01 5.06
C ASN B 83 45.65 -38.95 5.64
N SER B 84 46.82 -39.40 6.11
CA SER B 84 47.84 -38.53 6.72
C SER B 84 47.26 -37.74 7.88
N LEU B 85 46.84 -38.46 8.91
CA LEU B 85 46.27 -37.83 10.09
C LEU B 85 47.33 -37.06 10.86
N ARG B 86 46.86 -36.18 11.75
CA ARG B 86 47.73 -35.36 12.58
C ARG B 86 46.94 -34.94 13.81
N ALA B 87 47.50 -34.00 14.58
CA ALA B 87 46.85 -33.47 15.77
C ALA B 87 46.17 -32.14 15.54
N GLU B 88 46.31 -31.55 14.35
CA GLU B 88 45.69 -30.26 14.07
C GLU B 88 44.22 -30.42 13.69
N ASP B 89 43.89 -31.46 12.95
CA ASP B 89 42.52 -31.71 12.52
C ASP B 89 41.66 -32.34 13.59
N THR B 90 42.18 -32.53 14.80
CA THR B 90 41.40 -33.14 15.88
C THR B 90 40.34 -32.15 16.35
N ALA B 91 39.09 -32.40 16.00
CA ALA B 91 37.98 -31.52 16.35
C ALA B 91 36.69 -32.34 16.33
N MET B 92 35.56 -31.65 16.36
CA MET B 92 34.26 -32.31 16.32
C MET B 92 33.86 -32.61 14.89
N TYR B 93 33.34 -33.81 14.65
CA TYR B 93 32.91 -34.24 13.33
C TYR B 93 31.49 -34.75 13.38
N TYR B 94 30.68 -34.36 12.39
CA TYR B 94 29.30 -34.80 12.30
C TYR B 94 28.81 -34.58 10.87
N CYS B 95 28.14 -35.58 10.31
CA CYS B 95 27.63 -35.49 8.95
C CYS B 95 26.24 -34.87 8.94
N VAL B 96 25.97 -34.10 7.88
CA VAL B 96 24.69 -33.42 7.71
C VAL B 96 24.06 -33.90 6.40
N SER B 97 22.73 -33.96 6.40
CA SER B 97 22.01 -34.46 5.24
C SER B 97 22.17 -33.54 4.04
N ASN B 98 22.22 -32.23 4.28
CA ASN B 98 22.38 -31.26 3.19
C ASN B 98 22.91 -29.96 3.77
N TRP B 99 24.16 -29.62 3.46
CA TRP B 99 24.75 -28.36 3.89
C TRP B 99 24.54 -27.26 2.85
N ALA B 100 23.28 -27.06 2.46
CA ALA B 100 22.94 -26.01 1.50
C ALA B 100 21.62 -25.34 1.84
N SER B 101 21.02 -25.63 2.99
CA SER B 101 19.75 -25.07 3.42
C SER B 101 19.83 -24.64 4.88
N GLY B 102 20.85 -23.84 5.19
CA GLY B 102 21.14 -23.41 6.55
C GLY B 102 19.96 -22.94 7.36
N SER B 103 19.69 -23.62 8.46
CA SER B 103 18.62 -23.32 9.42
C SER B 103 17.22 -23.40 8.80
N THR B 104 17.10 -23.99 7.62
CA THR B 104 15.80 -24.13 6.96
C THR B 104 15.42 -25.58 6.68
N GLY B 105 16.35 -26.38 6.17
CA GLY B 105 16.05 -27.76 5.86
C GLY B 105 17.19 -28.72 6.15
N ASP B 106 18.14 -28.29 6.98
CA ASP B 106 19.29 -29.10 7.31
C ASP B 106 19.08 -29.80 8.65
N TYR B 107 19.67 -30.97 8.80
CA TYR B 107 19.60 -31.76 10.03
C TYR B 107 21.01 -32.18 10.41
N TRP B 108 21.55 -31.56 11.46
CA TRP B 108 22.90 -31.87 11.90
C TRP B 108 22.93 -33.22 12.61
N GLY B 109 24.14 -33.76 12.77
CA GLY B 109 24.31 -35.03 13.45
C GLY B 109 24.34 -34.86 14.96
N GLN B 110 24.42 -36.00 15.65
CA GLN B 110 24.46 -35.99 17.11
C GLN B 110 25.78 -35.39 17.60
N GLY B 111 26.90 -36.00 17.22
CA GLY B 111 28.20 -35.50 17.61
C GLY B 111 29.13 -36.58 18.12
N THR B 112 30.32 -36.67 17.52
CA THR B 112 31.34 -37.65 17.91
C THR B 112 32.66 -36.91 18.08
N LEU B 113 32.97 -36.56 19.32
CA LEU B 113 34.21 -35.85 19.62
C LEU B 113 35.39 -36.84 19.63
N VAL B 114 36.47 -36.46 18.97
CA VAL B 114 37.67 -37.29 18.89
C VAL B 114 38.79 -36.63 19.67
N THR B 115 39.77 -37.44 20.06
CA THR B 115 40.93 -36.97 20.80
C THR B 115 42.20 -37.47 20.12
N VAL B 116 43.31 -36.83 20.48
CA VAL B 116 44.61 -37.20 19.92
C VAL B 116 45.66 -37.26 21.01
N GLU B 139 3.26 -18.89 -31.84
CA GLU B 139 4.02 -19.66 -30.87
C GLU B 139 3.47 -19.48 -29.47
N VAL B 140 2.30 -18.85 -29.37
CA VAL B 140 1.63 -18.64 -28.09
C VAL B 140 0.25 -19.28 -28.14
N GLN B 141 0.09 -20.30 -28.98
CA GLN B 141 -1.19 -20.98 -29.15
C GLN B 141 -1.44 -21.86 -27.93
N LEU B 142 -2.31 -21.41 -27.03
CA LEU B 142 -2.67 -22.18 -25.83
C LEU B 142 -3.98 -22.91 -26.11
N VAL B 143 -3.86 -24.01 -26.86
CA VAL B 143 -5.03 -24.80 -27.21
C VAL B 143 -5.58 -25.49 -25.96
N GLU B 144 -6.87 -25.78 -25.98
CA GLU B 144 -7.56 -26.42 -24.87
C GLU B 144 -8.15 -27.75 -25.33
N SER B 145 -8.94 -28.37 -24.46
CA SER B 145 -9.58 -29.65 -24.75
C SER B 145 -10.94 -29.68 -24.08
N GLY B 146 -11.53 -30.87 -24.00
CA GLY B 146 -12.84 -31.03 -23.40
C GLY B 146 -13.84 -31.67 -24.34
N GLY B 147 -14.85 -32.32 -23.77
CA GLY B 147 -15.86 -32.99 -24.58
C GLY B 147 -17.08 -32.14 -24.86
N GLY B 148 -18.23 -32.55 -24.34
CA GLY B 148 -19.47 -31.83 -24.56
C GLY B 148 -20.23 -31.56 -23.28
N LEU B 149 -21.50 -31.98 -23.25
CA LEU B 149 -22.33 -31.77 -22.07
C LEU B 149 -21.85 -32.64 -20.92
N VAL B 150 -22.17 -32.19 -19.70
CA VAL B 150 -21.78 -32.88 -18.48
C VAL B 150 -23.05 -33.33 -17.76
N GLN B 151 -22.95 -34.48 -17.09
CA GLN B 151 -24.08 -35.01 -16.35
C GLN B 151 -24.40 -34.10 -15.16
N PRO B 152 -25.67 -34.04 -14.74
CA PRO B 152 -26.03 -33.20 -13.60
C PRO B 152 -25.50 -33.75 -12.28
N GLY B 153 -24.20 -33.57 -12.04
CA GLY B 153 -23.58 -34.09 -10.85
C GLY B 153 -22.60 -35.20 -11.13
N GLY B 154 -21.31 -34.88 -11.13
CA GLY B 154 -20.27 -35.85 -11.42
C GLY B 154 -18.94 -35.21 -11.76
N SER B 155 -17.85 -35.94 -11.53
CA SER B 155 -16.53 -35.40 -11.77
C SER B 155 -16.21 -35.39 -13.26
N LEU B 156 -15.23 -34.56 -13.62
CA LEU B 156 -14.77 -34.45 -15.00
C LEU B 156 -13.28 -34.10 -14.98
N ARG B 157 -12.73 -33.78 -16.14
CA ARG B 157 -11.32 -33.44 -16.25
C ARG B 157 -11.09 -32.67 -17.52
N LEU B 158 -10.36 -31.56 -17.43
CA LEU B 158 -10.01 -30.74 -18.58
C LEU B 158 -8.50 -30.57 -18.65
N SER B 159 -7.99 -30.43 -19.86
CA SER B 159 -6.57 -30.26 -20.10
C SER B 159 -6.32 -29.01 -20.93
N CYS B 160 -5.15 -28.42 -20.75
CA CYS B 160 -4.75 -27.23 -21.49
C CYS B 160 -3.29 -27.39 -21.91
N ALA B 161 -3.04 -27.33 -23.21
CA ALA B 161 -1.70 -27.46 -23.76
C ALA B 161 -1.10 -26.10 -24.03
N ALA B 162 0.23 -26.03 -23.99
CA ALA B 162 0.98 -24.79 -24.21
C ALA B 162 2.08 -25.07 -25.22
N SER B 163 1.84 -24.68 -26.47
CA SER B 163 2.82 -24.88 -27.53
C SER B 163 3.83 -23.74 -27.55
N ASP B 164 5.11 -24.09 -27.57
CA ASP B 164 6.20 -23.11 -27.59
C ASP B 164 6.10 -22.14 -26.41
N PHE B 165 5.94 -22.70 -25.22
CA PHE B 165 5.82 -21.92 -23.98
C PHE B 165 6.78 -22.50 -22.95
N TYR B 166 7.71 -21.66 -22.46
CA TYR B 166 8.71 -22.11 -21.51
C TYR B 166 8.78 -21.21 -20.27
N PHE B 167 7.89 -20.22 -20.16
CA PHE B 167 7.87 -19.34 -18.98
C PHE B 167 7.28 -20.10 -17.80
N ASP B 168 8.14 -20.71 -17.01
CA ASP B 168 7.71 -21.52 -15.86
C ASP B 168 7.50 -20.70 -14.61
N TYR B 169 7.62 -19.37 -14.69
CA TYR B 169 7.39 -18.51 -13.54
C TYR B 169 6.07 -17.75 -13.61
N TYR B 170 5.35 -17.83 -14.73
CA TYR B 170 4.03 -17.23 -14.81
C TYR B 170 3.04 -17.97 -13.93
N GLU B 171 1.93 -17.31 -13.62
CA GLU B 171 0.86 -17.91 -12.82
C GLU B 171 -0.32 -18.24 -13.73
N MET B 172 -0.95 -19.38 -13.46
CA MET B 172 -2.05 -19.87 -14.27
C MET B 172 -3.37 -19.66 -13.55
N SER B 173 -4.46 -19.74 -14.31
CA SER B 173 -5.79 -19.54 -13.77
C SER B 173 -6.81 -20.09 -14.75
N TRP B 174 -7.91 -20.61 -14.21
CA TRP B 174 -9.03 -21.12 -14.99
C TRP B 174 -10.21 -20.17 -14.78
N VAL B 175 -10.29 -19.15 -15.63
CA VAL B 175 -11.34 -18.15 -15.55
C VAL B 175 -12.52 -18.60 -16.38
N ARG B 176 -13.73 -18.32 -15.89
CA ARG B 176 -14.98 -18.65 -16.57
C ARG B 176 -15.59 -17.37 -17.12
N GLN B 177 -15.77 -17.31 -18.44
CA GLN B 177 -16.26 -16.12 -19.12
C GLN B 177 -17.48 -16.47 -19.98
N ALA B 178 -18.42 -17.20 -19.39
CA ALA B 178 -19.63 -17.56 -20.11
C ALA B 178 -20.50 -16.32 -20.34
N PRO B 179 -21.29 -16.31 -21.42
CA PRO B 179 -22.18 -15.16 -21.66
C PRO B 179 -23.19 -15.00 -20.54
N GLY B 180 -23.66 -13.77 -20.38
CA GLY B 180 -24.59 -13.46 -19.30
C GLY B 180 -23.93 -12.67 -18.18
N GLN B 181 -23.64 -13.34 -17.06
CA GLN B 181 -23.02 -12.69 -15.93
C GLN B 181 -21.54 -12.39 -16.25
N GLY B 182 -20.85 -11.81 -15.26
CA GLY B 182 -19.45 -11.47 -15.43
C GLY B 182 -18.55 -12.69 -15.36
N LEU B 183 -17.25 -12.42 -15.41
CA LEU B 183 -16.23 -13.46 -15.37
C LEU B 183 -15.69 -13.60 -13.96
N GLU B 184 -15.19 -14.80 -13.65
CA GLU B 184 -14.73 -15.14 -12.31
C GLU B 184 -13.30 -15.69 -12.38
N TRP B 185 -12.72 -15.89 -11.21
CA TRP B 185 -11.39 -16.48 -11.06
C TRP B 185 -11.50 -17.68 -10.13
N VAL B 186 -10.86 -18.78 -10.52
CA VAL B 186 -10.96 -20.02 -9.76
C VAL B 186 -9.57 -20.51 -9.34
N SER B 187 -8.72 -20.79 -10.31
CA SER B 187 -7.43 -21.43 -10.06
C SER B 187 -6.31 -20.40 -9.99
N THR B 188 -5.24 -20.79 -9.32
CA THR B 188 -4.04 -19.95 -9.22
C THR B 188 -2.86 -20.86 -8.91
N ILE B 189 -1.94 -20.99 -9.87
CA ILE B 189 -0.75 -21.82 -9.72
C ILE B 189 0.46 -20.88 -9.66
N SER B 190 1.06 -20.78 -8.49
CA SER B 190 2.22 -19.90 -8.31
C SER B 190 3.41 -20.45 -9.08
N GLY B 191 3.86 -19.70 -10.08
CA GLY B 191 5.02 -20.14 -10.85
C GLY B 191 6.28 -20.17 -10.02
N LEU B 192 6.51 -19.12 -9.23
CA LEU B 192 7.66 -19.12 -8.33
C LEU B 192 7.49 -20.10 -7.19
N GLY B 193 6.25 -20.37 -6.80
CA GLY B 193 5.97 -21.29 -5.71
C GLY B 193 5.40 -22.61 -6.19
N GLY B 194 4.07 -22.73 -6.12
CA GLY B 194 3.40 -23.96 -6.49
C GLY B 194 2.21 -24.26 -5.59
N ALA B 195 1.99 -23.40 -4.60
CA ALA B 195 0.86 -23.57 -3.71
C ALA B 195 -0.46 -23.32 -4.46
N THR B 196 -1.43 -24.18 -4.20
CA THR B 196 -2.73 -24.09 -4.88
C THR B 196 -3.61 -23.07 -4.17
N TYR B 197 -3.97 -22.00 -4.89
CA TYR B 197 -4.84 -20.95 -4.38
C TYR B 197 -6.17 -21.01 -5.11
N TYR B 198 -7.24 -21.30 -4.38
CA TYR B 198 -8.58 -21.38 -4.94
C TYR B 198 -9.39 -20.16 -4.52
N ALA B 199 -10.61 -20.07 -5.05
CA ALA B 199 -11.52 -18.99 -4.71
C ALA B 199 -12.37 -19.38 -3.50
N ASP B 200 -13.38 -18.58 -3.19
CA ASP B 200 -14.22 -18.86 -2.03
C ASP B 200 -15.32 -19.86 -2.34
N SER B 201 -15.83 -19.87 -3.56
CA SER B 201 -16.91 -20.78 -3.94
C SER B 201 -16.41 -22.11 -4.48
N VAL B 202 -15.09 -22.29 -4.63
CA VAL B 202 -14.55 -23.52 -5.18
C VAL B 202 -13.58 -24.14 -4.18
N LYS B 203 -13.84 -23.94 -2.89
CA LYS B 203 -12.96 -24.47 -1.86
C LYS B 203 -12.89 -26.00 -1.93
N GLY B 204 -14.03 -26.65 -1.71
CA GLY B 204 -14.09 -28.10 -1.83
C GLY B 204 -14.44 -28.55 -3.23
N ARG B 205 -13.77 -27.94 -4.23
CA ARG B 205 -14.09 -28.20 -5.62
C ARG B 205 -12.84 -28.57 -6.40
N PHE B 206 -12.94 -28.57 -7.73
CA PHE B 206 -11.84 -29.00 -8.59
C PHE B 206 -10.52 -28.33 -8.22
N THR B 207 -9.44 -29.09 -8.34
CA THR B 207 -8.09 -28.63 -8.07
C THR B 207 -7.29 -28.54 -9.37
N ILE B 208 -6.10 -27.97 -9.26
CA ILE B 208 -5.23 -27.76 -10.42
C ILE B 208 -3.86 -28.35 -10.14
N SER B 209 -3.13 -28.64 -11.21
CA SER B 209 -1.78 -29.19 -11.11
C SER B 209 -1.01 -28.78 -12.36
N ARG B 210 0.20 -28.25 -12.15
CA ARG B 210 1.05 -27.76 -13.23
C ARG B 210 2.13 -28.81 -13.50
N ASP B 211 1.92 -29.63 -14.53
CA ASP B 211 2.89 -30.64 -14.91
C ASP B 211 3.98 -29.99 -15.76
N ASN B 212 5.18 -29.85 -15.20
CA ASN B 212 6.29 -29.23 -15.90
C ASN B 212 6.98 -30.17 -16.88
N SER B 213 6.60 -31.45 -16.89
CA SER B 213 7.23 -32.40 -17.81
C SER B 213 6.78 -32.14 -19.24
N LYS B 214 5.48 -32.23 -19.49
CA LYS B 214 4.93 -32.00 -20.82
C LYS B 214 4.44 -30.57 -21.03
N ASN B 215 4.57 -29.71 -20.02
CA ASN B 215 4.15 -28.31 -20.10
C ASN B 215 2.66 -28.20 -20.44
N THR B 216 1.84 -28.75 -19.55
CA THR B 216 0.39 -28.76 -19.72
C THR B 216 -0.28 -28.40 -18.40
N LEU B 217 -1.58 -28.16 -18.46
CA LEU B 217 -2.39 -27.84 -17.30
C LEU B 217 -3.50 -28.87 -17.14
N TYR B 218 -3.73 -29.29 -15.90
CA TYR B 218 -4.71 -30.32 -15.59
C TYR B 218 -5.71 -29.77 -14.58
N LEU B 219 -7.00 -29.84 -14.91
CA LEU B 219 -8.07 -29.42 -14.02
C LEU B 219 -8.97 -30.62 -13.76
N GLN B 220 -8.79 -31.24 -12.59
CA GLN B 220 -9.55 -32.43 -12.21
C GLN B 220 -10.85 -31.97 -11.55
N MET B 221 -11.94 -32.03 -12.31
CA MET B 221 -13.22 -31.56 -11.81
C MET B 221 -13.80 -32.53 -10.78
N ASN B 222 -14.90 -32.11 -10.17
CA ASN B 222 -15.60 -32.89 -9.16
C ASN B 222 -17.09 -32.76 -9.41
N SER B 223 -17.89 -33.17 -8.43
CA SER B 223 -19.35 -33.08 -8.53
C SER B 223 -19.80 -31.64 -8.74
N LEU B 224 -20.36 -31.36 -9.92
CA LEU B 224 -20.79 -30.02 -10.27
C LEU B 224 -22.30 -29.87 -10.11
N ARG B 225 -22.74 -28.64 -9.86
CA ARG B 225 -24.15 -28.31 -9.75
C ARG B 225 -24.63 -27.65 -11.03
N ALA B 226 -25.88 -27.17 -11.03
CA ALA B 226 -26.42 -26.52 -12.20
C ALA B 226 -25.76 -25.16 -12.46
N GLU B 227 -25.25 -24.52 -11.42
CA GLU B 227 -24.60 -23.22 -11.56
C GLU B 227 -23.17 -23.31 -12.08
N ASP B 228 -22.62 -24.52 -12.20
CA ASP B 228 -21.26 -24.69 -12.69
C ASP B 228 -21.15 -24.59 -14.20
N THR B 229 -22.26 -24.43 -14.91
CA THR B 229 -22.22 -24.28 -16.36
C THR B 229 -21.54 -22.96 -16.73
N ALA B 230 -20.45 -23.05 -17.49
CA ALA B 230 -19.68 -21.87 -17.84
C ALA B 230 -18.91 -22.15 -19.13
N LEU B 231 -17.97 -21.27 -19.45
CA LEU B 231 -17.17 -21.33 -20.67
C LEU B 231 -15.69 -21.12 -20.32
N TYR B 232 -15.21 -21.90 -19.35
CA TYR B 232 -13.86 -21.73 -18.81
C TYR B 232 -12.81 -21.65 -19.92
N TYR B 233 -11.80 -20.83 -19.69
CA TYR B 233 -10.68 -20.65 -20.60
C TYR B 233 -9.39 -21.10 -19.93
N CYS B 234 -8.26 -20.88 -20.61
CA CYS B 234 -6.94 -21.20 -20.10
C CYS B 234 -6.05 -19.98 -20.36
N ALA B 235 -6.02 -19.06 -19.41
CA ALA B 235 -5.28 -17.80 -19.55
C ALA B 235 -4.14 -17.77 -18.53
N THR B 236 -2.95 -17.43 -19.01
CA THR B 236 -1.77 -17.29 -18.16
C THR B 236 -1.29 -15.85 -18.19
N ARG B 237 -0.67 -15.42 -17.08
CA ARG B 237 -0.17 -14.06 -16.96
C ARG B 237 1.03 -14.06 -16.02
N SER B 238 1.70 -12.91 -15.97
CA SER B 238 2.91 -12.76 -15.16
C SER B 238 2.53 -12.27 -13.76
N PRO B 239 3.04 -12.92 -12.71
CA PRO B 239 2.76 -12.44 -11.34
C PRO B 239 3.34 -11.07 -11.05
N PHE B 240 4.37 -10.65 -11.77
CA PHE B 240 5.00 -9.35 -11.60
C PHE B 240 4.58 -8.43 -12.74
N GLY B 241 3.99 -7.29 -12.40
CA GLY B 241 3.59 -6.32 -13.40
C GLY B 241 2.18 -5.81 -13.22
N ASP B 242 1.35 -5.95 -14.26
CA ASP B 242 -0.01 -5.46 -14.23
C ASP B 242 -0.94 -6.51 -13.61
N TYR B 243 -2.21 -6.17 -13.51
CA TYR B 243 -3.22 -7.05 -12.92
C TYR B 243 -4.07 -7.75 -13.98
N ALA B 244 -3.76 -7.58 -15.25
CA ALA B 244 -4.51 -8.20 -16.34
C ALA B 244 -3.77 -9.41 -16.88
N PHE B 245 -4.43 -10.13 -17.78
CA PHE B 245 -3.86 -11.33 -18.38
C PHE B 245 -3.02 -10.96 -19.60
N SER B 246 -2.24 -11.94 -20.06
CA SER B 246 -1.33 -11.76 -21.19
C SER B 246 -1.66 -12.65 -22.36
N TYR B 247 -1.91 -13.94 -22.11
CA TYR B 247 -2.20 -14.90 -23.17
C TYR B 247 -3.56 -15.53 -22.94
N TRP B 248 -4.27 -15.80 -24.04
CA TRP B 248 -5.60 -16.39 -24.01
C TRP B 248 -5.54 -17.82 -24.54
N GLY B 249 -6.72 -18.44 -24.63
CA GLY B 249 -6.88 -19.77 -25.16
C GLY B 249 -7.95 -19.80 -26.24
N GLN B 250 -8.56 -20.97 -26.41
CA GLN B 250 -9.62 -21.16 -27.38
C GLN B 250 -11.00 -21.30 -26.75
N GLY B 251 -11.09 -21.87 -25.56
CA GLY B 251 -12.36 -21.98 -24.87
C GLY B 251 -12.91 -23.39 -24.90
N THR B 252 -13.62 -23.75 -23.83
CA THR B 252 -14.28 -25.04 -23.73
C THR B 252 -15.63 -24.85 -23.04
N LEU B 253 -16.57 -25.72 -23.39
CA LEU B 253 -17.93 -25.65 -22.88
C LEU B 253 -18.23 -26.86 -22.01
N VAL B 254 -18.86 -26.62 -20.87
CA VAL B 254 -19.25 -27.67 -19.93
C VAL B 254 -20.71 -27.44 -19.58
N THR B 255 -21.61 -28.15 -20.27
CA THR B 255 -23.05 -28.02 -20.04
C THR B 255 -23.47 -29.06 -19.02
N VAL B 256 -23.69 -28.62 -17.78
CA VAL B 256 -24.11 -29.49 -16.71
C VAL B 256 -25.64 -29.43 -16.63
N SER B 257 -26.30 -30.40 -17.25
CA SER B 257 -27.75 -30.46 -17.26
C SER B 257 -28.25 -31.89 -17.45
#